data_1LMR
#
_entry.id   1LMR
#
_entity_poly.entity_id   1
_entity_poly.type   'polypeptide(L)'
_entity_poly.pdbx_seq_one_letter_code
;ADDDCLPRGSKCLGENKQCCKGTTCMFYANRCVGV
;
_entity_poly.pdbx_strand_id   A
#
# COMPACT_ATOMS: atom_id res chain seq x y z
N ALA A 1 -0.99 9.99 8.56
CA ALA A 1 -2.23 9.19 8.66
C ALA A 1 -3.34 9.79 7.80
N ASP A 2 -3.71 9.08 6.73
CA ASP A 2 -4.76 9.55 5.84
C ASP A 2 -5.33 8.40 5.02
N ASP A 3 -6.25 8.72 4.10
CA ASP A 3 -6.87 7.70 3.26
C ASP A 3 -6.32 7.76 1.83
N ASP A 4 -5.02 8.08 1.72
CA ASP A 4 -4.38 8.18 0.43
C ASP A 4 -4.28 6.80 -0.24
N CYS A 5 -3.31 6.63 -1.12
CA CYS A 5 -3.11 5.37 -1.81
C CYS A 5 -1.63 5.11 -2.07
N LEU A 6 -1.34 4.10 -2.88
CA LEU A 6 0.03 3.74 -3.20
C LEU A 6 0.10 2.93 -4.50
N PRO A 7 0.61 3.53 -5.59
CA PRO A 7 0.73 2.84 -6.88
C PRO A 7 1.67 1.64 -6.82
N ARG A 8 1.70 0.88 -7.89
CA ARG A 8 2.54 -0.29 -7.97
C ARG A 8 4.01 0.09 -8.03
N GLY A 9 4.56 0.45 -6.87
CA GLY A 9 5.96 0.83 -6.80
C GLY A 9 6.35 1.39 -5.44
N SER A 10 5.40 2.05 -4.79
CA SER A 10 5.64 2.64 -3.47
C SER A 10 5.60 1.57 -2.39
N LYS A 11 6.65 1.52 -1.57
CA LYS A 11 6.75 0.55 -0.50
C LYS A 11 5.74 0.86 0.61
N CYS A 12 5.64 -0.04 1.58
CA CYS A 12 4.72 0.15 2.69
C CYS A 12 4.91 -0.92 3.77
N LEU A 13 6.15 -1.07 4.22
CA LEU A 13 6.46 -2.05 5.26
C LEU A 13 5.85 -1.64 6.58
N GLY A 14 6.39 -0.59 7.19
CA GLY A 14 5.88 -0.11 8.46
C GLY A 14 4.74 0.87 8.29
N GLU A 15 4.64 1.47 7.10
CA GLU A 15 3.60 2.44 6.79
C GLU A 15 2.24 2.01 7.32
N ASN A 16 1.59 2.92 8.05
CA ASN A 16 0.27 2.65 8.59
C ASN A 16 -0.81 3.12 7.62
N LYS A 17 -0.38 3.75 6.53
CA LYS A 17 -1.31 4.24 5.52
C LYS A 17 -1.96 3.08 4.76
N GLN A 18 -3.05 3.38 4.07
CA GLN A 18 -3.77 2.36 3.30
C GLN A 18 -3.81 2.73 1.82
N CYS A 19 -3.73 1.71 0.96
CA CYS A 19 -3.75 1.92 -0.48
C CYS A 19 -5.14 2.37 -0.94
N CYS A 20 -5.30 2.54 -2.24
CA CYS A 20 -6.57 2.97 -2.81
C CYS A 20 -7.62 1.86 -2.68
N LYS A 21 -8.85 2.17 -3.07
CA LYS A 21 -9.94 1.21 -3.01
C LYS A 21 -9.77 0.10 -4.03
N GLY A 22 -9.59 -1.12 -3.55
CA GLY A 22 -9.41 -2.25 -4.43
C GLY A 22 -8.00 -2.78 -4.42
N THR A 23 -7.06 -1.97 -3.94
CA THR A 23 -5.65 -2.37 -3.88
C THR A 23 -5.31 -2.92 -2.51
N THR A 24 -4.16 -3.56 -2.41
CA THR A 24 -3.68 -4.14 -1.16
C THR A 24 -2.19 -3.95 -1.00
N CYS A 25 -1.77 -3.78 0.25
CA CYS A 25 -0.35 -3.59 0.55
C CYS A 25 0.25 -4.83 1.19
N MET A 26 1.45 -5.20 0.76
CA MET A 26 2.14 -6.37 1.28
C MET A 26 3.14 -5.98 2.36
N PHE A 27 3.13 -6.72 3.46
CA PHE A 27 4.04 -6.45 4.57
C PHE A 27 5.47 -6.84 4.22
N TYR A 28 5.65 -8.10 3.87
CA TYR A 28 6.96 -8.62 3.51
C TYR A 28 7.45 -8.04 2.19
N ALA A 29 6.54 -7.96 1.22
CA ALA A 29 6.87 -7.42 -0.10
C ALA A 29 7.09 -5.92 -0.01
N ASN A 30 6.58 -5.33 1.07
CA ASN A 30 6.71 -3.90 1.31
C ASN A 30 6.47 -3.09 0.04
N ARG A 31 5.29 -3.27 -0.54
CA ARG A 31 4.93 -2.56 -1.77
C ARG A 31 3.48 -2.84 -2.14
N CYS A 32 2.72 -1.78 -2.39
CA CYS A 32 1.32 -1.92 -2.75
C CYS A 32 1.16 -2.76 -4.01
N VAL A 33 0.01 -3.43 -4.12
CA VAL A 33 -0.27 -4.28 -5.26
C VAL A 33 -1.78 -4.44 -5.46
N GLY A 34 -2.21 -4.47 -6.72
CA GLY A 34 -3.62 -4.61 -7.02
C GLY A 34 -4.10 -6.04 -6.90
N VAL A 35 -5.40 -6.18 -6.80
CA VAL A 35 -6.03 -7.48 -6.67
C VAL A 35 -5.78 -8.34 -7.90
N ALA A 1 -4.45 15.25 -2.63
CA ALA A 1 -5.32 14.52 -1.67
C ALA A 1 -4.52 14.03 -0.47
N ASP A 2 -5.23 13.60 0.56
CA ASP A 2 -4.58 13.09 1.77
C ASP A 2 -3.71 11.89 1.47
N ASP A 3 -3.11 11.31 2.51
CA ASP A 3 -2.25 10.14 2.35
C ASP A 3 -2.99 8.86 2.71
N ASP A 4 -4.30 8.85 2.48
CA ASP A 4 -5.13 7.69 2.77
C ASP A 4 -4.65 6.48 1.99
N CYS A 5 -5.05 6.41 0.72
CA CYS A 5 -4.68 5.30 -0.15
C CYS A 5 -3.16 5.21 -0.28
N LEU A 6 -2.71 4.30 -1.14
CA LEU A 6 -1.28 4.11 -1.37
C LEU A 6 -1.02 3.47 -2.73
N PRO A 7 -0.66 4.28 -3.75
CA PRO A 7 -0.38 3.76 -5.10
C PRO A 7 0.79 2.80 -5.12
N ARG A 8 1.01 2.18 -6.26
CA ARG A 8 2.09 1.23 -6.43
C ARG A 8 3.44 1.92 -6.37
N GLY A 9 3.82 2.34 -5.17
CA GLY A 9 5.10 3.01 -4.98
C GLY A 9 5.55 3.03 -3.54
N SER A 10 4.61 3.24 -2.64
CA SER A 10 4.91 3.29 -1.20
C SER A 10 5.11 1.88 -0.66
N LYS A 11 6.12 1.72 0.21
CA LYS A 11 6.42 0.43 0.80
C LYS A 11 5.33 0.01 1.78
N CYS A 12 5.39 -1.24 2.22
CA CYS A 12 4.41 -1.77 3.17
C CYS A 12 5.09 -2.63 4.22
N LEU A 13 6.35 -2.35 4.51
CA LEU A 13 7.10 -3.10 5.52
C LEU A 13 6.57 -2.80 6.92
N GLY A 14 6.97 -1.66 7.46
CA GLY A 14 6.52 -1.28 8.79
C GLY A 14 5.25 -0.46 8.74
N GLU A 15 4.96 0.11 7.58
CA GLU A 15 3.78 0.93 7.40
C GLU A 15 2.52 0.27 7.96
N ASN A 16 1.67 1.10 8.56
CA ASN A 16 0.42 0.64 9.13
C ASN A 16 -0.75 1.19 8.32
N LYS A 17 -0.45 2.07 7.36
CA LYS A 17 -1.48 2.66 6.53
C LYS A 17 -2.07 1.63 5.57
N GLN A 18 -3.28 1.90 5.10
CA GLN A 18 -3.96 0.99 4.17
C GLN A 18 -4.08 1.62 2.79
N CYS A 19 -3.88 0.82 1.75
CA CYS A 19 -3.97 1.30 0.38
C CYS A 19 -5.41 1.64 0.01
N CYS A 20 -5.63 2.03 -1.24
CA CYS A 20 -6.97 2.37 -1.71
C CYS A 20 -7.85 1.13 -1.80
N LYS A 21 -9.11 1.34 -2.18
CA LYS A 21 -10.06 0.26 -2.30
C LYS A 21 -9.73 -0.63 -3.49
N GLY A 22 -9.41 -1.89 -3.20
CA GLY A 22 -9.07 -2.83 -4.26
C GLY A 22 -7.60 -3.20 -4.26
N THR A 23 -6.78 -2.37 -3.62
CA THR A 23 -5.35 -2.62 -3.55
C THR A 23 -4.99 -3.45 -2.32
N THR A 24 -3.77 -3.97 -2.31
CA THR A 24 -3.30 -4.78 -1.20
C THR A 24 -1.80 -4.62 -1.01
N CYS A 25 -1.37 -4.47 0.23
CA CYS A 25 0.05 -4.30 0.54
C CYS A 25 0.72 -5.65 0.75
N MET A 26 1.92 -5.80 0.19
CA MET A 26 2.67 -7.05 0.32
C MET A 26 3.75 -6.93 1.40
N PHE A 27 3.79 -7.90 2.31
CA PHE A 27 4.75 -7.91 3.39
C PHE A 27 6.16 -8.18 2.87
N TYR A 28 6.29 -9.26 2.12
CA TYR A 28 7.58 -9.66 1.56
C TYR A 28 8.01 -8.68 0.47
N ALA A 29 7.08 -8.33 -0.41
CA ALA A 29 7.36 -7.39 -1.49
C ALA A 29 7.54 -5.98 -0.92
N ASN A 30 7.01 -5.79 0.28
CA ASN A 30 7.09 -4.49 0.96
C ASN A 30 6.72 -3.34 0.02
N ARG A 31 5.66 -3.56 -0.76
CA ARG A 31 5.18 -2.56 -1.69
C ARG A 31 3.71 -2.81 -2.05
N CYS A 32 2.92 -1.74 -2.04
CA CYS A 32 1.50 -1.86 -2.36
C CYS A 32 1.31 -2.38 -3.77
N VAL A 33 0.17 -3.04 -4.01
CA VAL A 33 -0.14 -3.59 -5.31
C VAL A 33 -1.65 -3.76 -5.48
N GLY A 34 -2.12 -3.60 -6.72
CA GLY A 34 -3.53 -3.74 -7.00
C GLY A 34 -3.94 -5.17 -7.27
N VAL A 35 -5.22 -5.41 -7.17
CA VAL A 35 -5.79 -6.73 -7.40
C VAL A 35 -5.57 -7.18 -8.84
N ALA A 1 -4.06 13.22 -7.77
CA ALA A 1 -3.08 13.73 -6.78
C ALA A 1 -3.73 13.92 -5.42
N ASP A 2 -2.90 14.00 -4.38
CA ASP A 2 -3.39 14.19 -3.03
C ASP A 2 -4.31 13.03 -2.61
N ASP A 3 -3.99 11.84 -3.09
CA ASP A 3 -4.78 10.65 -2.76
C ASP A 3 -4.23 9.95 -1.52
N ASP A 4 -5.14 9.52 -0.65
CA ASP A 4 -4.77 8.84 0.57
C ASP A 4 -4.16 7.47 0.26
N CYS A 5 -4.24 6.55 1.23
CA CYS A 5 -3.70 5.21 1.05
C CYS A 5 -2.22 5.25 0.71
N LEU A 6 -1.69 4.15 0.18
CA LEU A 6 -0.29 4.06 -0.19
C LEU A 6 -0.15 3.85 -1.69
N PRO A 7 0.13 4.93 -2.45
CA PRO A 7 0.30 4.84 -3.91
C PRO A 7 1.45 3.94 -4.29
N ARG A 8 1.61 3.73 -5.58
CA ARG A 8 2.66 2.89 -6.10
C ARG A 8 4.02 3.51 -5.87
N GLY A 9 4.48 3.46 -4.62
CA GLY A 9 5.77 4.03 -4.26
C GLY A 9 6.01 4.02 -2.76
N SER A 10 4.94 4.04 -1.98
CA SER A 10 5.05 4.03 -0.53
C SER A 10 5.11 2.60 0.01
N LYS A 11 6.20 2.27 0.67
CA LYS A 11 6.38 0.93 1.24
C LYS A 11 5.43 0.71 2.40
N CYS A 12 5.37 -0.54 2.88
CA CYS A 12 4.49 -0.88 3.99
C CYS A 12 4.64 -2.35 4.40
N LEU A 13 5.87 -2.76 4.67
CA LEU A 13 6.14 -4.13 5.08
C LEU A 13 5.58 -4.40 6.47
N GLY A 14 6.23 -3.83 7.48
CA GLY A 14 5.77 -4.01 8.85
C GLY A 14 4.65 -3.07 9.22
N GLU A 15 4.57 -1.96 8.49
CA GLU A 15 3.54 -0.95 8.71
C GLU A 15 2.17 -1.56 8.95
N ASN A 16 1.45 -1.01 9.92
CA ASN A 16 0.12 -1.48 10.23
C ASN A 16 -0.91 -0.76 9.35
N LYS A 17 -0.43 0.20 8.56
CA LYS A 17 -1.29 0.96 7.66
C LYS A 17 -1.77 0.08 6.51
N GLN A 18 -2.82 0.53 5.82
CA GLN A 18 -3.37 -0.21 4.70
C GLN A 18 -3.83 0.73 3.59
N CYS A 19 -3.77 0.26 2.35
CA CYS A 19 -4.18 1.06 1.21
C CYS A 19 -5.70 1.26 1.21
N CYS A 20 -6.25 1.65 0.07
CA CYS A 20 -7.69 1.87 -0.06
C CYS A 20 -8.45 0.55 0.02
N LYS A 21 -9.78 0.64 -0.03
CA LYS A 21 -10.62 -0.54 0.04
C LYS A 21 -10.50 -1.37 -1.23
N GLY A 22 -9.99 -2.59 -1.08
CA GLY A 22 -9.83 -3.47 -2.23
C GLY A 22 -8.37 -3.71 -2.55
N THR A 23 -7.50 -2.81 -2.10
CA THR A 23 -6.08 -2.94 -2.33
C THR A 23 -5.38 -3.61 -1.15
N THR A 24 -4.14 -4.03 -1.38
CA THR A 24 -3.36 -4.69 -0.34
C THR A 24 -1.88 -4.45 -0.52
N CYS A 25 -1.17 -4.38 0.59
CA CYS A 25 0.28 -4.14 0.56
C CYS A 25 1.04 -5.46 0.55
N MET A 26 2.03 -5.54 -0.33
CA MET A 26 2.84 -6.75 -0.45
C MET A 26 3.93 -6.78 0.62
N PHE A 27 4.07 -7.93 1.28
CA PHE A 27 5.06 -8.09 2.33
C PHE A 27 6.47 -8.15 1.76
N TYR A 28 6.67 -9.05 0.82
CA TYR A 28 7.97 -9.24 0.18
C TYR A 28 8.32 -8.04 -0.70
N ALA A 29 7.35 -7.52 -1.42
CA ALA A 29 7.56 -6.37 -2.29
C ALA A 29 7.78 -5.12 -1.45
N ASN A 30 7.20 -5.11 -0.26
CA ASN A 30 7.33 -3.98 0.66
C ASN A 30 6.74 -2.72 0.03
N ARG A 31 5.60 -2.86 -0.64
CA ARG A 31 4.94 -1.74 -1.27
C ARG A 31 3.47 -2.06 -1.56
N CYS A 32 2.64 -1.03 -1.60
CA CYS A 32 1.22 -1.20 -1.86
C CYS A 32 1.01 -1.77 -3.27
N VAL A 33 -0.14 -2.43 -3.47
CA VAL A 33 -0.47 -3.01 -4.75
C VAL A 33 -1.98 -3.20 -4.90
N GLY A 34 -2.48 -2.96 -6.11
CA GLY A 34 -3.90 -3.10 -6.36
C GLY A 34 -4.28 -4.47 -6.82
N VAL A 35 -5.56 -4.77 -6.72
CA VAL A 35 -6.10 -6.05 -7.12
C VAL A 35 -5.91 -6.29 -8.62
N ALA A 1 -8.74 7.02 7.02
CA ALA A 1 -8.64 8.49 7.23
C ALA A 1 -8.76 9.25 5.91
N ASP A 2 -9.09 8.52 4.86
CA ASP A 2 -9.23 9.11 3.54
C ASP A 2 -7.93 9.75 3.08
N ASP A 3 -6.80 9.18 3.51
CA ASP A 3 -5.50 9.70 3.14
C ASP A 3 -5.17 9.35 1.69
N ASP A 4 -3.90 9.55 1.32
CA ASP A 4 -3.46 9.27 -0.03
C ASP A 4 -3.49 7.76 -0.31
N CYS A 5 -2.66 7.32 -1.25
CA CYS A 5 -2.60 5.91 -1.61
C CYS A 5 -1.19 5.52 -2.04
N LEU A 6 -1.05 4.32 -2.61
CA LEU A 6 0.24 3.84 -3.06
C LEU A 6 0.07 2.74 -4.11
N PRO A 7 0.28 3.07 -5.40
CA PRO A 7 0.15 2.10 -6.48
C PRO A 7 1.16 0.96 -6.38
N ARG A 8 1.02 -0.02 -7.24
CA ARG A 8 1.89 -1.17 -7.24
C ARG A 8 3.30 -0.79 -7.71
N GLY A 9 4.04 -0.15 -6.83
CA GLY A 9 5.39 0.27 -7.15
C GLY A 9 6.15 0.80 -5.96
N SER A 10 5.46 1.54 -5.10
CA SER A 10 6.07 2.11 -3.91
C SER A 10 6.02 1.12 -2.75
N LYS A 11 7.11 1.07 -1.98
CA LYS A 11 7.19 0.16 -0.84
C LYS A 11 6.25 0.60 0.27
N CYS A 12 6.02 -0.29 1.23
CA CYS A 12 5.14 0.00 2.35
C CYS A 12 5.23 -1.09 3.42
N LEU A 13 6.45 -1.42 3.83
CA LEU A 13 6.66 -2.44 4.85
C LEU A 13 6.18 -1.96 6.21
N GLY A 14 6.92 -1.03 6.80
CA GLY A 14 6.56 -0.51 8.10
C GLY A 14 5.56 0.62 8.01
N GLU A 15 5.44 1.22 6.82
CA GLU A 15 4.52 2.31 6.58
C GLU A 15 3.17 2.08 7.24
N ASN A 16 2.73 3.07 8.02
CA ASN A 16 1.44 2.99 8.69
C ASN A 16 0.33 3.53 7.78
N LYS A 17 0.73 4.05 6.61
CA LYS A 17 -0.23 4.58 5.65
C LYS A 17 -1.06 3.48 5.03
N GLN A 18 -2.17 3.85 4.41
CA GLN A 18 -3.05 2.88 3.76
C GLN A 18 -3.22 3.21 2.27
N CYS A 19 -3.17 2.17 1.44
CA CYS A 19 -3.31 2.34 0.00
C CYS A 19 -4.74 2.72 -0.36
N CYS A 20 -5.01 2.86 -1.65
CA CYS A 20 -6.34 3.22 -2.13
C CYS A 20 -7.31 2.08 -1.91
N LYS A 21 -8.59 2.33 -2.20
CA LYS A 21 -9.62 1.33 -2.03
C LYS A 21 -9.48 0.22 -3.07
N GLY A 22 -9.25 -1.00 -2.60
CA GLY A 22 -9.09 -2.13 -3.50
C GLY A 22 -7.69 -2.69 -3.49
N THR A 23 -6.73 -1.87 -3.06
CA THR A 23 -5.33 -2.29 -3.02
C THR A 23 -4.99 -2.89 -1.65
N THR A 24 -3.85 -3.56 -1.59
CA THR A 24 -3.40 -4.19 -0.34
C THR A 24 -1.87 -4.15 -0.24
N CYS A 25 -1.38 -3.82 0.94
CA CYS A 25 0.06 -3.75 1.17
C CYS A 25 0.61 -5.10 1.64
N MET A 26 1.78 -5.46 1.14
CA MET A 26 2.41 -6.72 1.51
C MET A 26 3.60 -6.48 2.44
N PHE A 27 3.71 -7.32 3.47
CA PHE A 27 4.78 -7.20 4.44
C PHE A 27 6.10 -7.71 3.87
N TYR A 28 6.08 -8.95 3.40
CA TYR A 28 7.27 -9.59 2.84
C TYR A 28 7.66 -8.96 1.51
N ALA A 29 6.65 -8.62 0.70
CA ALA A 29 6.91 -8.01 -0.59
C ALA A 29 7.39 -6.58 -0.42
N ASN A 30 6.97 -5.96 0.69
CA ASN A 30 7.37 -4.59 1.01
C ASN A 30 6.93 -3.64 -0.10
N ARG A 31 5.68 -3.76 -0.52
CA ARG A 31 5.14 -2.90 -1.57
C ARG A 31 3.65 -3.15 -1.78
N CYS A 32 2.92 -2.09 -2.10
CA CYS A 32 1.48 -2.20 -2.33
C CYS A 32 1.18 -3.03 -3.56
N VAL A 33 0.03 -3.70 -3.55
CA VAL A 33 -0.39 -4.53 -4.66
C VAL A 33 -1.91 -4.71 -4.68
N GLY A 34 -2.48 -4.72 -5.87
CA GLY A 34 -3.92 -4.88 -6.00
C GLY A 34 -4.45 -4.32 -7.30
N VAL A 35 -5.75 -4.09 -7.31
CA VAL A 35 -6.42 -3.56 -8.50
C VAL A 35 -5.90 -2.16 -8.84
N ALA A 1 -11.01 11.34 -2.60
CA ALA A 1 -9.74 11.45 -3.37
C ALA A 1 -8.96 10.14 -3.33
N ASP A 2 -8.60 9.63 -4.50
CA ASP A 2 -7.86 8.38 -4.61
C ASP A 2 -6.37 8.65 -4.80
N ASP A 3 -5.89 9.75 -4.23
CA ASP A 3 -4.49 10.12 -4.34
C ASP A 3 -3.76 9.89 -3.03
N ASP A 4 -4.47 10.02 -1.92
CA ASP A 4 -3.90 9.83 -0.60
C ASP A 4 -3.54 8.36 -0.39
N CYS A 5 -3.50 7.93 0.87
CA CYS A 5 -3.18 6.55 1.21
C CYS A 5 -1.80 6.17 0.66
N LEU A 6 -1.54 4.87 0.57
CA LEU A 6 -0.27 4.38 0.06
C LEU A 6 -0.37 4.00 -1.41
N PRO A 7 0.04 4.91 -2.32
CA PRO A 7 0.01 4.66 -3.76
C PRO A 7 0.94 3.52 -4.16
N ARG A 8 0.87 3.15 -5.42
CA ARG A 8 1.68 2.07 -5.95
C ARG A 8 3.15 2.48 -5.99
N GLY A 9 3.77 2.56 -4.82
CA GLY A 9 5.17 2.93 -4.75
C GLY A 9 5.73 2.80 -3.34
N SER A 10 4.91 3.12 -2.35
CA SER A 10 5.34 3.06 -0.95
C SER A 10 5.51 1.61 -0.52
N LYS A 11 6.49 1.37 0.36
CA LYS A 11 6.76 0.04 0.86
C LYS A 11 5.63 -0.46 1.77
N CYS A 12 5.66 -1.74 2.09
CA CYS A 12 4.64 -2.33 2.96
C CYS A 12 5.25 -3.37 3.89
N LEU A 13 6.55 -3.23 4.18
CA LEU A 13 7.24 -4.16 5.06
C LEU A 13 6.92 -3.86 6.52
N GLY A 14 7.60 -2.89 7.09
CA GLY A 14 7.37 -2.52 8.48
C GLY A 14 6.30 -1.46 8.62
N GLU A 15 6.01 -0.77 7.52
CA GLU A 15 5.01 0.29 7.52
C GLU A 15 3.76 -0.09 8.30
N ASN A 16 3.32 0.82 9.16
CA ASN A 16 2.13 0.61 9.96
C ASN A 16 0.94 1.36 9.36
N LYS A 17 1.21 2.13 8.30
CA LYS A 17 0.15 2.89 7.64
C LYS A 17 -0.80 1.96 6.89
N GLN A 18 -1.97 2.49 6.54
CA GLN A 18 -2.98 1.72 5.82
C GLN A 18 -3.18 2.26 4.41
N CYS A 19 -3.32 1.35 3.45
CA CYS A 19 -3.53 1.73 2.05
C CYS A 19 -4.93 2.29 1.85
N CYS A 20 -5.28 2.52 0.59
CA CYS A 20 -6.60 3.06 0.26
C CYS A 20 -7.61 1.93 0.07
N LYS A 21 -8.86 2.30 -0.20
CA LYS A 21 -9.92 1.32 -0.41
C LYS A 21 -9.72 0.55 -1.71
N GLY A 22 -9.48 -0.75 -1.60
CA GLY A 22 -9.27 -1.57 -2.78
C GLY A 22 -7.83 -2.02 -2.93
N THR A 23 -6.92 -1.34 -2.24
CA THR A 23 -5.50 -1.68 -2.31
C THR A 23 -5.12 -2.67 -1.22
N THR A 24 -3.94 -3.26 -1.36
CA THR A 24 -3.45 -4.24 -0.39
C THR A 24 -1.94 -4.18 -0.29
N CYS A 25 -1.43 -4.30 0.93
CA CYS A 25 0.01 -4.25 1.18
C CYS A 25 0.66 -5.59 0.82
N MET A 26 1.86 -5.51 0.24
CA MET A 26 2.59 -6.71 -0.15
C MET A 26 3.79 -6.93 0.77
N PHE A 27 3.86 -8.14 1.34
CA PHE A 27 4.93 -8.49 2.25
C PHE A 27 6.22 -8.80 1.50
N TYR A 28 6.14 -9.71 0.56
CA TYR A 28 7.30 -10.12 -0.22
C TYR A 28 7.76 -9.01 -1.16
N ALA A 29 6.81 -8.38 -1.85
CA ALA A 29 7.13 -7.30 -2.76
C ALA A 29 7.56 -6.06 -1.97
N ASN A 30 7.13 -5.99 -0.72
CA ASN A 30 7.46 -4.87 0.14
C ASN A 30 6.97 -3.56 -0.46
N ARG A 31 5.69 -3.53 -0.83
CA ARG A 31 5.10 -2.34 -1.42
C ARG A 31 3.60 -2.52 -1.61
N CYS A 32 2.84 -1.46 -1.33
CA CYS A 32 1.39 -1.51 -1.46
C CYS A 32 0.98 -1.60 -2.92
N VAL A 33 -0.01 -2.42 -3.20
CA VAL A 33 -0.50 -2.61 -4.55
C VAL A 33 -1.95 -3.11 -4.55
N GLY A 34 -2.66 -2.89 -5.66
CA GLY A 34 -4.03 -3.33 -5.75
C GLY A 34 -4.19 -4.81 -5.56
N VAL A 35 -5.41 -5.21 -5.28
CA VAL A 35 -5.73 -6.62 -5.07
C VAL A 35 -5.55 -7.43 -6.35
N ALA A 1 -9.94 7.70 7.36
CA ALA A 1 -10.24 8.76 6.36
C ALA A 1 -9.26 8.70 5.19
N ASP A 2 -9.80 8.80 3.98
CA ASP A 2 -8.98 8.75 2.77
C ASP A 2 -7.96 9.90 2.76
N ASP A 3 -6.69 9.55 2.97
CA ASP A 3 -5.63 10.55 2.99
C ASP A 3 -4.79 10.48 1.72
N ASP A 4 -4.28 9.28 1.42
CA ASP A 4 -3.47 9.07 0.24
C ASP A 4 -3.47 7.60 -0.16
N CYS A 5 -2.59 7.25 -1.08
CA CYS A 5 -2.48 5.87 -1.56
C CYS A 5 -1.05 5.53 -1.96
N LEU A 6 -0.87 4.37 -2.58
CA LEU A 6 0.44 3.93 -3.01
C LEU A 6 0.34 2.90 -4.14
N PRO A 7 0.64 3.30 -5.38
CA PRO A 7 0.58 2.39 -6.53
C PRO A 7 1.57 1.25 -6.41
N ARG A 8 1.49 0.32 -7.35
CA ARG A 8 2.36 -0.83 -7.36
C ARG A 8 3.79 -0.43 -7.70
N GLY A 9 4.50 0.08 -6.71
CA GLY A 9 5.88 0.51 -6.92
C GLY A 9 6.55 1.00 -5.65
N SER A 10 5.78 1.66 -4.80
CA SER A 10 6.31 2.18 -3.54
C SER A 10 6.18 1.15 -2.43
N LYS A 11 7.18 1.11 -1.55
CA LYS A 11 7.18 0.18 -0.44
C LYS A 11 6.11 0.54 0.59
N CYS A 12 5.64 -0.45 1.33
CA CYS A 12 4.62 -0.23 2.35
C CYS A 12 4.66 -1.29 3.44
N LEU A 13 5.87 -1.68 3.83
CA LEU A 13 6.06 -2.68 4.87
C LEU A 13 5.71 -2.12 6.24
N GLY A 14 6.60 -1.27 6.76
CA GLY A 14 6.37 -0.67 8.06
C GLY A 14 5.52 0.58 7.99
N GLU A 15 5.43 1.16 6.79
CA GLU A 15 4.66 2.37 6.56
C GLU A 15 3.33 2.36 7.30
N ASN A 16 3.04 3.44 8.01
CA ASN A 16 1.79 3.57 8.73
C ASN A 16 0.71 4.16 7.84
N LYS A 17 1.10 4.53 6.61
CA LYS A 17 0.16 5.10 5.66
C LYS A 17 -0.84 4.06 5.18
N GLN A 18 -1.93 4.51 4.58
CA GLN A 18 -2.96 3.63 4.07
C GLN A 18 -3.12 3.77 2.56
N CYS A 19 -3.08 2.64 1.86
CA CYS A 19 -3.22 2.65 0.41
C CYS A 19 -4.65 2.99 0.00
N CYS A 20 -4.91 2.97 -1.30
CA CYS A 20 -6.24 3.28 -1.82
C CYS A 20 -7.23 2.18 -1.45
N LYS A 21 -8.52 2.44 -1.73
CA LYS A 21 -9.57 1.48 -1.42
C LYS A 21 -9.55 0.31 -2.39
N GLY A 22 -9.30 -0.88 -1.85
CA GLY A 22 -9.26 -2.08 -2.68
C GLY A 22 -7.86 -2.61 -2.85
N THR A 23 -6.86 -1.77 -2.59
CA THR A 23 -5.47 -2.16 -2.71
C THR A 23 -5.10 -3.24 -1.70
N THR A 24 -3.94 -3.84 -1.91
CA THR A 24 -3.45 -4.89 -1.01
C THR A 24 -1.94 -4.78 -0.83
N CYS A 25 -1.52 -4.48 0.39
CA CYS A 25 -0.09 -4.35 0.69
C CYS A 25 0.51 -5.70 1.05
N MET A 26 1.71 -5.95 0.54
CA MET A 26 2.41 -7.21 0.79
C MET A 26 3.51 -7.02 1.84
N PHE A 27 3.57 -7.94 2.79
CA PHE A 27 4.57 -7.89 3.85
C PHE A 27 5.94 -8.29 3.34
N TYR A 28 5.99 -9.46 2.72
CA TYR A 28 7.25 -9.98 2.18
C TYR A 28 7.72 -9.17 0.98
N ALA A 29 6.79 -8.77 0.14
CA ALA A 29 7.12 -7.98 -1.05
C ALA A 29 7.53 -6.57 -0.63
N ASN A 30 6.99 -6.13 0.50
CA ASN A 30 7.30 -4.80 1.03
C ASN A 30 6.89 -3.72 0.03
N ARG A 31 5.65 -3.79 -0.44
CA ARG A 31 5.15 -2.82 -1.40
C ARG A 31 3.65 -2.99 -1.63
N CYS A 32 2.97 -1.90 -1.91
CA CYS A 32 1.53 -1.93 -2.14
C CYS A 32 1.22 -2.47 -3.54
N VAL A 33 0.05 -3.08 -3.70
CA VAL A 33 -0.37 -3.63 -4.97
C VAL A 33 -1.89 -3.71 -5.06
N GLY A 34 -2.43 -3.39 -6.23
CA GLY A 34 -3.87 -3.43 -6.42
C GLY A 34 -4.36 -4.81 -6.79
N VAL A 35 -5.66 -4.99 -6.62
CA VAL A 35 -6.30 -6.27 -6.93
C VAL A 35 -6.21 -6.58 -8.41
N ALA A 1 -10.53 11.77 8.19
CA ALA A 1 -9.31 12.04 7.39
C ALA A 1 -9.38 11.36 6.03
N ASP A 2 -8.81 12.02 5.02
CA ASP A 2 -8.80 11.48 3.66
C ASP A 2 -7.73 10.41 3.51
N ASP A 3 -8.16 9.17 3.31
CA ASP A 3 -7.24 8.05 3.15
C ASP A 3 -6.42 8.21 1.87
N ASP A 4 -5.10 8.28 2.03
CA ASP A 4 -4.20 8.43 0.90
C ASP A 4 -4.20 7.17 0.04
N CYS A 5 -3.12 6.94 -0.69
CA CYS A 5 -2.99 5.77 -1.55
C CYS A 5 -1.53 5.35 -1.70
N LEU A 6 -1.29 4.36 -2.55
CA LEU A 6 0.07 3.87 -2.77
C LEU A 6 0.16 3.13 -4.10
N PRO A 7 0.65 3.81 -5.16
CA PRO A 7 0.78 3.21 -6.49
C PRO A 7 1.75 2.04 -6.49
N ARG A 8 1.81 1.35 -7.62
CA ARG A 8 2.68 0.20 -7.76
C ARG A 8 4.15 0.62 -7.77
N GLY A 9 4.68 0.90 -6.58
CA GLY A 9 6.06 1.31 -6.46
C GLY A 9 6.47 1.56 -5.02
N SER A 10 5.55 2.09 -4.23
CA SER A 10 5.82 2.37 -2.82
C SER A 10 5.87 1.09 -2.00
N LYS A 11 6.86 0.99 -1.13
CA LYS A 11 7.03 -0.19 -0.29
C LYS A 11 5.92 -0.28 0.76
N CYS A 12 5.90 -1.39 1.48
CA CYS A 12 4.89 -1.61 2.51
C CYS A 12 5.48 -2.34 3.71
N LEU A 13 6.79 -2.19 3.91
CA LEU A 13 7.46 -2.85 5.03
C LEU A 13 7.04 -2.22 6.36
N GLY A 14 7.66 -1.11 6.72
CA GLY A 14 7.34 -0.44 7.95
C GLY A 14 6.23 0.58 7.78
N GLU A 15 5.99 0.98 6.53
CA GLU A 15 4.96 1.96 6.22
C GLU A 15 3.65 1.68 6.94
N ASN A 16 3.13 2.70 7.61
CA ASN A 16 1.88 2.59 8.33
C ASN A 16 0.73 3.14 7.48
N LYS A 17 1.07 3.70 6.32
CA LYS A 17 0.08 4.26 5.42
C LYS A 17 -0.75 3.17 4.76
N GLN A 18 -1.89 3.55 4.20
CA GLN A 18 -2.77 2.59 3.54
C GLN A 18 -2.86 2.88 2.04
N CYS A 19 -2.96 1.82 1.24
CA CYS A 19 -3.05 1.96 -0.20
C CYS A 19 -4.39 2.56 -0.60
N CYS A 20 -4.58 2.75 -1.91
CA CYS A 20 -5.82 3.32 -2.43
C CYS A 20 -6.97 2.33 -2.28
N LYS A 21 -8.16 2.75 -2.71
CA LYS A 21 -9.35 1.91 -2.62
C LYS A 21 -9.25 0.74 -3.59
N GLY A 22 -9.16 -0.46 -3.04
CA GLY A 22 -9.07 -1.66 -3.87
C GLY A 22 -7.69 -2.28 -3.84
N THR A 23 -6.70 -1.49 -3.41
CA THR A 23 -5.33 -1.96 -3.35
C THR A 23 -5.00 -2.50 -1.96
N THR A 24 -3.89 -3.22 -1.86
CA THR A 24 -3.45 -3.79 -0.59
C THR A 24 -1.92 -3.85 -0.52
N CYS A 25 -1.41 -3.68 0.69
CA CYS A 25 0.02 -3.71 0.93
C CYS A 25 0.49 -5.12 1.23
N MET A 26 1.68 -5.47 0.74
CA MET A 26 2.24 -6.80 0.97
C MET A 26 3.41 -6.74 1.95
N PHE A 27 3.40 -7.64 2.92
CA PHE A 27 4.46 -7.71 3.92
C PHE A 27 5.74 -8.26 3.34
N TYR A 28 5.64 -9.44 2.75
CA TYR A 28 6.79 -10.11 2.15
C TYR A 28 7.24 -9.38 0.89
N ALA A 29 6.28 -8.98 0.06
CA ALA A 29 6.57 -8.27 -1.17
C ALA A 29 7.06 -6.85 -0.86
N ASN A 30 6.75 -6.40 0.34
CA ASN A 30 7.14 -5.07 0.80
C ASN A 30 6.83 -4.01 -0.26
N ARG A 31 5.63 -4.07 -0.82
CA ARG A 31 5.20 -3.13 -1.83
C ARG A 31 3.69 -3.25 -2.08
N CYS A 32 3.04 -2.11 -2.27
CA CYS A 32 1.60 -2.10 -2.52
C CYS A 32 1.25 -2.97 -3.73
N VAL A 33 0.02 -3.48 -3.73
CA VAL A 33 -0.44 -4.32 -4.83
C VAL A 33 -1.98 -4.30 -4.90
N GLY A 34 -2.51 -4.32 -6.12
CA GLY A 34 -3.94 -4.30 -6.31
C GLY A 34 -4.59 -5.60 -5.91
N VAL A 35 -5.89 -5.54 -5.70
CA VAL A 35 -6.67 -6.71 -5.32
C VAL A 35 -6.57 -7.81 -6.37
N ALA A 1 -10.25 11.30 -5.16
CA ALA A 1 -10.35 11.78 -3.76
C ALA A 1 -8.98 11.74 -3.07
N ASP A 2 -8.56 12.89 -2.55
CA ASP A 2 -7.28 13.00 -1.86
C ASP A 2 -7.28 12.15 -0.60
N ASP A 3 -6.14 11.52 -0.32
CA ASP A 3 -6.00 10.68 0.87
C ASP A 3 -4.57 10.16 0.99
N ASP A 4 -4.24 9.63 2.16
CA ASP A 4 -2.91 9.08 2.41
C ASP A 4 -2.60 7.94 1.45
N CYS A 5 -3.12 6.76 1.75
CA CYS A 5 -2.91 5.59 0.92
C CYS A 5 -1.43 5.39 0.60
N LEU A 6 -1.15 4.48 -0.32
CA LEU A 6 0.22 4.20 -0.72
C LEU A 6 0.26 3.54 -2.10
N PRO A 7 0.73 4.26 -3.13
CA PRO A 7 0.81 3.73 -4.49
C PRO A 7 1.75 2.54 -4.58
N ARG A 8 1.78 1.91 -5.75
CA ARG A 8 2.62 0.76 -5.98
C ARG A 8 4.11 1.11 -6.01
N GLY A 9 4.48 2.22 -5.37
CA GLY A 9 5.88 2.63 -5.34
C GLY A 9 6.42 2.75 -3.93
N SER A 10 5.54 3.00 -2.96
CA SER A 10 5.95 3.13 -1.58
C SER A 10 5.83 1.80 -0.85
N LYS A 11 6.79 1.51 0.02
CA LYS A 11 6.80 0.27 0.78
C LYS A 11 5.67 0.25 1.80
N CYS A 12 5.22 -0.94 2.16
CA CYS A 12 4.15 -1.10 3.14
C CYS A 12 4.39 -2.29 4.05
N LEU A 13 5.64 -2.70 4.18
CA LEU A 13 5.99 -3.83 5.04
C LEU A 13 5.81 -3.47 6.50
N GLY A 14 6.76 -2.70 7.04
CA GLY A 14 6.68 -2.28 8.43
C GLY A 14 5.78 -1.09 8.61
N GLU A 15 5.63 -0.31 7.55
CA GLU A 15 4.80 0.88 7.58
C GLU A 15 3.45 0.63 8.25
N ASN A 16 3.03 1.61 9.04
CA ASN A 16 1.75 1.52 9.73
C ASN A 16 0.64 2.10 8.85
N LYS A 17 1.05 2.69 7.72
CA LYS A 17 0.10 3.29 6.78
C LYS A 17 -0.71 2.21 6.08
N GLN A 18 -1.81 2.61 5.46
CA GLN A 18 -2.67 1.68 4.73
C GLN A 18 -3.15 2.29 3.42
N CYS A 19 -3.15 1.48 2.36
CA CYS A 19 -3.60 1.94 1.05
C CYS A 19 -5.10 2.17 1.04
N CYS A 20 -5.64 2.59 -0.09
CA CYS A 20 -7.06 2.85 -0.24
C CYS A 20 -7.86 1.54 -0.19
N LYS A 21 -9.18 1.67 -0.15
CA LYS A 21 -10.06 0.51 -0.10
C LYS A 21 -10.02 -0.25 -1.42
N GLY A 22 -9.64 -1.53 -1.36
CA GLY A 22 -9.57 -2.34 -2.56
C GLY A 22 -8.17 -2.82 -2.86
N THR A 23 -7.17 -2.08 -2.36
CA THR A 23 -5.77 -2.44 -2.58
C THR A 23 -5.30 -3.43 -1.52
N THR A 24 -4.14 -4.04 -1.78
CA THR A 24 -3.58 -5.01 -0.86
C THR A 24 -2.06 -4.84 -0.77
N CYS A 25 -1.54 -4.90 0.46
CA CYS A 25 -0.10 -4.76 0.69
C CYS A 25 0.60 -6.10 0.51
N MET A 26 1.77 -6.07 -0.13
CA MET A 26 2.54 -7.28 -0.38
C MET A 26 3.69 -7.40 0.61
N PHE A 27 3.82 -8.57 1.22
CA PHE A 27 4.87 -8.83 2.19
C PHE A 27 6.22 -8.98 1.51
N TYR A 28 6.26 -9.87 0.54
CA TYR A 28 7.50 -10.15 -0.19
C TYR A 28 7.90 -8.97 -1.08
N ALA A 29 6.91 -8.34 -1.70
CA ALA A 29 7.17 -7.19 -2.55
C ALA A 29 7.57 -5.99 -1.71
N ASN A 30 7.07 -5.97 -0.48
CA ASN A 30 7.37 -4.88 0.44
C ASN A 30 6.88 -3.55 -0.10
N ARG A 31 5.70 -3.57 -0.70
CA ARG A 31 5.10 -2.37 -1.27
C ARG A 31 3.65 -2.60 -1.65
N CYS A 32 2.85 -1.53 -1.62
CA CYS A 32 1.44 -1.62 -1.96
C CYS A 32 1.25 -2.14 -3.39
N VAL A 33 0.12 -2.79 -3.64
CA VAL A 33 -0.18 -3.32 -4.94
C VAL A 33 -1.70 -3.49 -5.13
N GLY A 34 -2.17 -3.23 -6.34
CA GLY A 34 -3.58 -3.35 -6.63
C GLY A 34 -4.07 -4.78 -6.54
N VAL A 35 -5.39 -4.91 -6.42
CA VAL A 35 -6.02 -6.21 -6.32
C VAL A 35 -5.89 -6.99 -7.61
N ALA A 1 1.08 14.27 -3.03
CA ALA A 1 -0.03 14.69 -2.14
C ALA A 1 -1.14 13.64 -2.14
N ASP A 2 -1.34 13.01 -0.98
CA ASP A 2 -2.37 11.99 -0.84
C ASP A 2 -3.14 12.15 0.47
N ASP A 3 -4.37 11.67 0.50
CA ASP A 3 -5.20 11.76 1.69
C ASP A 3 -5.27 10.42 2.41
N ASP A 4 -5.38 9.34 1.64
CA ASP A 4 -5.47 8.01 2.20
C ASP A 4 -5.02 6.97 1.17
N CYS A 5 -5.29 5.70 1.49
CA CYS A 5 -4.92 4.60 0.60
C CYS A 5 -3.42 4.60 0.32
N LEU A 6 -3.00 3.78 -0.63
CA LEU A 6 -1.59 3.68 -1.00
C LEU A 6 -1.43 3.11 -2.41
N PRO A 7 -1.19 3.98 -3.40
CA PRO A 7 -1.02 3.55 -4.80
C PRO A 7 0.20 2.65 -4.96
N ARG A 8 0.34 2.09 -6.15
CA ARG A 8 1.44 1.20 -6.46
C ARG A 8 2.76 1.95 -6.50
N GLY A 9 3.28 2.28 -5.32
CA GLY A 9 4.54 3.00 -5.23
C GLY A 9 5.05 3.10 -3.80
N SER A 10 4.14 3.29 -2.87
CA SER A 10 4.50 3.40 -1.46
C SER A 10 4.80 2.04 -0.86
N LYS A 11 5.59 2.03 0.21
CA LYS A 11 5.96 0.78 0.87
C LYS A 11 4.77 0.17 1.59
N CYS A 12 4.94 -1.05 2.08
CA CYS A 12 3.87 -1.74 2.80
C CYS A 12 4.42 -2.58 3.95
N LEU A 13 5.45 -2.07 4.62
CA LEU A 13 6.05 -2.77 5.74
C LEU A 13 5.09 -2.79 6.94
N GLY A 14 5.62 -2.79 8.16
CA GLY A 14 4.78 -2.81 9.34
C GLY A 14 3.72 -1.73 9.34
N GLU A 15 3.96 -0.68 8.55
CA GLU A 15 3.04 0.45 8.44
C GLU A 15 1.58 0.01 8.49
N ASN A 16 0.80 0.68 9.33
CA ASN A 16 -0.61 0.39 9.45
C ASN A 16 -1.39 1.06 8.33
N LYS A 17 -0.69 1.85 7.51
CA LYS A 17 -1.33 2.55 6.40
C LYS A 17 -1.74 1.57 5.31
N GLN A 18 -3.03 1.22 5.28
CA GLN A 18 -3.55 0.30 4.29
C GLN A 18 -3.87 1.01 2.98
N CYS A 19 -3.75 0.28 1.87
CA CYS A 19 -4.03 0.84 0.55
C CYS A 19 -5.52 1.04 0.34
N CYS A 20 -5.89 1.53 -0.83
CA CYS A 20 -7.29 1.77 -1.16
C CYS A 20 -8.04 0.46 -1.32
N LYS A 21 -9.34 0.55 -1.58
CA LYS A 21 -10.18 -0.62 -1.75
C LYS A 21 -9.84 -1.34 -3.06
N GLY A 22 -9.39 -2.59 -2.94
CA GLY A 22 -9.05 -3.37 -4.12
C GLY A 22 -7.56 -3.66 -4.20
N THR A 23 -6.75 -2.85 -3.51
CA THR A 23 -5.31 -3.03 -3.52
C THR A 23 -4.87 -3.94 -2.37
N THR A 24 -3.63 -4.40 -2.46
CA THR A 24 -3.07 -5.29 -1.44
C THR A 24 -1.64 -4.88 -1.09
N CYS A 25 -1.33 -4.88 0.20
CA CYS A 25 0.01 -4.51 0.66
C CYS A 25 0.91 -5.73 0.73
N MET A 26 2.18 -5.54 0.37
CA MET A 26 3.15 -6.62 0.40
C MET A 26 4.13 -6.44 1.54
N PHE A 27 4.22 -7.44 2.40
CA PHE A 27 5.10 -7.39 3.56
C PHE A 27 6.56 -7.57 3.15
N TYR A 28 6.84 -8.66 2.48
CA TYR A 28 8.21 -8.96 2.04
C TYR A 28 8.68 -8.00 0.96
N ALA A 29 7.80 -7.72 -0.01
CA ALA A 29 8.13 -6.80 -1.09
C ALA A 29 8.20 -5.37 -0.57
N ASN A 30 7.50 -5.13 0.53
CA ASN A 30 7.48 -3.81 1.15
C ASN A 30 6.97 -2.76 0.15
N ARG A 31 5.84 -3.04 -0.47
CA ARG A 31 5.25 -2.13 -1.44
C ARG A 31 3.85 -2.58 -1.84
N CYS A 32 2.92 -1.63 -1.89
CA CYS A 32 1.54 -1.93 -2.26
C CYS A 32 1.47 -2.56 -3.65
N VAL A 33 0.44 -3.37 -3.87
CA VAL A 33 0.23 -4.03 -5.15
C VAL A 33 -1.23 -4.38 -5.37
N GLY A 34 -1.70 -4.20 -6.60
CA GLY A 34 -3.09 -4.50 -6.91
C GLY A 34 -3.58 -3.76 -8.13
N VAL A 35 -4.89 -3.71 -8.25
CA VAL A 35 -5.53 -3.03 -9.37
C VAL A 35 -5.15 -1.55 -9.42
N ALA A 1 -2.99 17.79 2.59
CA ALA A 1 -1.90 16.78 2.54
C ALA A 1 -2.33 15.49 3.24
N ASP A 2 -2.46 14.41 2.48
CA ASP A 2 -2.85 13.12 3.03
C ASP A 2 -2.84 12.05 1.94
N ASP A 3 -2.21 10.91 2.25
CA ASP A 3 -2.13 9.80 1.31
C ASP A 3 -2.66 8.51 1.94
N ASP A 4 -3.98 8.37 1.97
CA ASP A 4 -4.60 7.19 2.55
C ASP A 4 -4.12 5.93 1.85
N CYS A 5 -4.68 5.67 0.67
CA CYS A 5 -4.31 4.48 -0.10
C CYS A 5 -2.83 4.48 -0.44
N LEU A 6 -2.42 3.57 -1.32
CA LEU A 6 -1.02 3.47 -1.71
C LEU A 6 -0.90 2.73 -3.04
N PRO A 7 -0.66 3.46 -4.15
CA PRO A 7 -0.52 2.86 -5.48
C PRO A 7 0.69 1.94 -5.56
N ARG A 8 0.80 1.24 -6.69
CA ARG A 8 1.89 0.31 -6.89
C ARG A 8 3.21 1.04 -7.05
N GLY A 9 3.80 1.41 -5.91
CA GLY A 9 5.08 2.12 -5.92
C GLY A 9 5.53 2.52 -4.53
N SER A 10 4.58 2.83 -3.67
CA SER A 10 4.89 3.24 -2.30
C SER A 10 4.95 2.02 -1.38
N LYS A 11 5.96 1.99 -0.53
CA LYS A 11 6.14 0.89 0.41
C LYS A 11 5.06 0.90 1.48
N CYS A 12 4.77 -0.27 2.06
CA CYS A 12 3.76 -0.39 3.10
C CYS A 12 4.09 -1.53 4.05
N LEU A 13 5.36 -1.66 4.41
CA LEU A 13 5.80 -2.71 5.31
C LEU A 13 5.29 -2.46 6.72
N GLY A 14 5.90 -1.49 7.41
CA GLY A 14 5.49 -1.16 8.76
C GLY A 14 4.29 -0.25 8.79
N GLU A 15 4.09 0.48 7.70
CA GLU A 15 2.97 1.41 7.59
C GLU A 15 1.67 0.83 8.12
N ASN A 16 1.00 1.61 8.96
CA ASN A 16 -0.28 1.18 9.52
C ASN A 16 -1.42 1.60 8.61
N LYS A 17 -1.09 2.34 7.55
CA LYS A 17 -2.09 2.80 6.59
C LYS A 17 -2.64 1.64 5.77
N GLN A 18 -3.77 1.86 5.10
CA GLN A 18 -4.39 0.83 4.28
C GLN A 18 -4.54 1.31 2.84
N CYS A 19 -4.26 0.40 1.90
CA CYS A 19 -4.36 0.73 0.48
C CYS A 19 -5.82 0.93 0.07
N CYS A 20 -6.03 1.33 -1.17
CA CYS A 20 -7.38 1.54 -1.69
C CYS A 20 -8.12 0.22 -1.86
N LYS A 21 -9.41 0.31 -2.18
CA LYS A 21 -10.24 -0.88 -2.37
C LYS A 21 -9.84 -1.63 -3.63
N GLY A 22 -9.40 -2.86 -3.47
CA GLY A 22 -8.99 -3.66 -4.61
C GLY A 22 -7.50 -3.95 -4.62
N THR A 23 -6.74 -3.11 -3.93
CA THR A 23 -5.29 -3.28 -3.87
C THR A 23 -4.89 -4.17 -2.70
N THR A 24 -3.64 -4.61 -2.72
CA THR A 24 -3.12 -5.48 -1.66
C THR A 24 -1.68 -5.12 -1.32
N CYS A 25 -1.37 -5.08 -0.03
CA CYS A 25 -0.02 -4.75 0.43
C CYS A 25 0.78 -6.01 0.73
N MET A 26 2.03 -6.03 0.29
CA MET A 26 2.90 -7.17 0.53
C MET A 26 3.90 -6.89 1.64
N PHE A 27 4.02 -7.83 2.56
CA PHE A 27 4.94 -7.69 3.69
C PHE A 27 6.38 -7.79 3.24
N TYR A 28 6.69 -8.87 2.53
CA TYR A 28 8.04 -9.11 2.04
C TYR A 28 8.39 -8.13 0.92
N ALA A 29 7.46 -7.92 0.01
CA ALA A 29 7.68 -6.99 -1.10
C ALA A 29 7.69 -5.56 -0.59
N ASN A 30 7.08 -5.37 0.59
CA ASN A 30 7.01 -4.05 1.20
C ASN A 30 6.58 -2.98 0.20
N ARG A 31 5.48 -3.26 -0.51
CA ARG A 31 4.96 -2.34 -1.50
C ARG A 31 3.57 -2.77 -1.96
N CYS A 32 2.64 -1.83 -1.98
CA CYS A 32 1.27 -2.12 -2.40
C CYS A 32 1.23 -2.64 -3.83
N VAL A 33 0.26 -3.49 -4.11
CA VAL A 33 0.09 -4.05 -5.44
C VAL A 33 -1.35 -4.49 -5.68
N GLY A 34 -1.84 -4.25 -6.89
CA GLY A 34 -3.20 -4.62 -7.22
C GLY A 34 -3.76 -3.83 -8.37
N VAL A 35 -5.07 -3.85 -8.49
CA VAL A 35 -5.77 -3.13 -9.54
C VAL A 35 -5.50 -1.64 -9.46
N ALA A 1 -4.78 14.17 4.07
CA ALA A 1 -5.82 13.43 4.82
C ALA A 1 -5.29 12.09 5.33
N ASP A 2 -6.05 11.46 6.21
CA ASP A 2 -5.65 10.18 6.78
C ASP A 2 -6.34 9.03 6.05
N ASP A 3 -6.54 9.19 4.74
CA ASP A 3 -7.20 8.17 3.94
C ASP A 3 -6.65 8.18 2.50
N ASP A 4 -5.36 8.46 2.37
CA ASP A 4 -4.72 8.51 1.06
C ASP A 4 -4.66 7.11 0.45
N CYS A 5 -3.69 6.90 -0.44
CA CYS A 5 -3.53 5.61 -1.10
C CYS A 5 -2.06 5.34 -1.41
N LEU A 6 -1.81 4.27 -2.17
CA LEU A 6 -0.45 3.91 -2.54
C LEU A 6 -0.44 3.02 -3.78
N PRO A 7 -0.20 3.61 -4.97
CA PRO A 7 -0.16 2.86 -6.22
C PRO A 7 0.97 1.84 -6.24
N ARG A 8 0.99 1.03 -7.29
CA ARG A 8 2.01 0.01 -7.43
C ARG A 8 3.37 0.61 -7.68
N GLY A 9 4.04 1.03 -6.60
CA GLY A 9 5.34 1.63 -6.71
C GLY A 9 5.98 1.91 -5.35
N SER A 10 5.16 2.26 -4.38
CA SER A 10 5.64 2.55 -3.03
C SER A 10 5.75 1.27 -2.21
N LYS A 11 6.62 1.29 -1.20
CA LYS A 11 6.82 0.13 -0.34
C LYS A 11 5.61 -0.09 0.55
N CYS A 12 5.62 -1.19 1.29
CA CYS A 12 4.53 -1.54 2.19
C CYS A 12 5.06 -2.06 3.52
N LEU A 13 6.19 -1.51 3.96
CA LEU A 13 6.80 -1.91 5.22
C LEU A 13 5.95 -1.44 6.40
N GLY A 14 6.60 -1.14 7.53
CA GLY A 14 5.87 -0.71 8.71
C GLY A 14 4.94 0.46 8.43
N GLU A 15 5.21 1.19 7.36
CA GLU A 15 4.40 2.34 6.96
C GLU A 15 2.92 2.12 7.21
N ASN A 16 2.32 3.03 7.96
CA ASN A 16 0.89 2.96 8.25
C ASN A 16 0.07 3.45 7.06
N LYS A 17 0.77 3.96 6.04
CA LYS A 17 0.09 4.47 4.84
C LYS A 17 -0.51 3.32 4.04
N GLN A 18 -1.83 3.16 4.15
CA GLN A 18 -2.53 2.10 3.43
C GLN A 18 -2.83 2.52 2.00
N CYS A 19 -2.83 1.56 1.09
CA CYS A 19 -3.11 1.83 -0.32
C CYS A 19 -4.58 2.18 -0.53
N CYS A 20 -4.95 2.46 -1.77
CA CYS A 20 -6.32 2.82 -2.10
C CYS A 20 -7.26 1.62 -1.94
N LYS A 21 -8.55 1.86 -2.16
CA LYS A 21 -9.55 0.82 -2.04
C LYS A 21 -9.50 -0.13 -3.22
N GLY A 22 -9.40 -1.42 -2.95
CA GLY A 22 -9.35 -2.41 -4.00
C GLY A 22 -7.96 -2.99 -4.19
N THR A 23 -6.95 -2.32 -3.64
CA THR A 23 -5.57 -2.78 -3.74
C THR A 23 -5.18 -3.62 -2.54
N THR A 24 -4.06 -4.32 -2.67
CA THR A 24 -3.55 -5.17 -1.60
C THR A 24 -2.15 -4.76 -1.20
N CYS A 25 -1.87 -4.81 0.10
CA CYS A 25 -0.55 -4.43 0.61
C CYS A 25 0.22 -5.67 1.07
N MET A 26 1.50 -5.73 0.72
CA MET A 26 2.35 -6.86 1.10
C MET A 26 3.32 -6.48 2.20
N PHE A 27 3.22 -7.17 3.33
CA PHE A 27 4.07 -6.89 4.47
C PHE A 27 5.49 -7.39 4.23
N TYR A 28 5.61 -8.67 3.90
CA TYR A 28 6.91 -9.29 3.67
C TYR A 28 7.55 -8.78 2.37
N ALA A 29 6.74 -8.66 1.32
CA ALA A 29 7.23 -8.19 0.03
C ALA A 29 7.57 -6.71 0.09
N ASN A 30 6.94 -6.02 1.05
CA ASN A 30 7.16 -4.60 1.24
C ASN A 30 6.93 -3.83 -0.05
N ARG A 31 5.72 -3.93 -0.58
CA ARG A 31 5.35 -3.26 -1.81
C ARG A 31 3.87 -3.46 -2.10
N CYS A 32 3.19 -2.36 -2.42
CA CYS A 32 1.76 -2.42 -2.72
C CYS A 32 1.51 -3.18 -4.02
N VAL A 33 0.34 -3.80 -4.11
CA VAL A 33 -0.03 -4.56 -5.30
C VAL A 33 -1.51 -4.85 -5.35
N GLY A 34 -2.03 -5.07 -6.54
CA GLY A 34 -3.45 -5.36 -6.70
C GLY A 34 -3.97 -5.02 -8.08
N VAL A 35 -5.28 -4.91 -8.17
CA VAL A 35 -5.94 -4.58 -9.43
C VAL A 35 -5.52 -3.19 -9.92
N ALA A 1 -5.70 15.28 8.60
CA ALA A 1 -5.60 15.06 7.14
C ALA A 1 -6.60 13.99 6.68
N ASP A 2 -6.54 13.66 5.40
CA ASP A 2 -7.44 12.66 4.83
C ASP A 2 -6.69 11.37 4.55
N ASP A 3 -7.43 10.34 4.14
CA ASP A 3 -6.84 9.03 3.83
C ASP A 3 -5.81 9.16 2.71
N ASP A 4 -5.30 8.02 2.26
CA ASP A 4 -4.32 7.99 1.20
C ASP A 4 -4.31 6.64 0.50
N CYS A 5 -3.30 6.41 -0.33
CA CYS A 5 -3.16 5.15 -1.06
C CYS A 5 -1.70 4.84 -1.35
N LEU A 6 -1.47 3.77 -2.11
CA LEU A 6 -0.11 3.37 -2.46
C LEU A 6 -0.11 2.48 -3.71
N PRO A 7 0.23 3.06 -4.88
CA PRO A 7 0.27 2.30 -6.13
C PRO A 7 1.31 1.19 -6.11
N ARG A 8 1.30 0.38 -7.14
CA ARG A 8 2.22 -0.74 -7.26
C ARG A 8 3.65 -0.25 -7.45
N GLY A 9 4.30 0.12 -6.35
CA GLY A 9 5.67 0.60 -6.43
C GLY A 9 6.17 1.14 -5.10
N SER A 10 5.26 1.70 -4.30
CA SER A 10 5.62 2.24 -3.00
C SER A 10 5.60 1.16 -1.93
N LYS A 11 6.51 1.26 -0.97
CA LYS A 11 6.59 0.29 0.12
C LYS A 11 5.40 0.42 1.05
N CYS A 12 5.02 -0.70 1.68
CA CYS A 12 3.89 -0.70 2.60
C CYS A 12 4.15 -1.61 3.80
N LEU A 13 5.42 -1.94 4.04
CA LEU A 13 5.79 -2.79 5.16
C LEU A 13 5.59 -2.06 6.48
N GLY A 14 6.41 -1.06 6.73
CA GLY A 14 6.30 -0.30 7.96
C GLY A 14 5.32 0.86 7.85
N GLU A 15 5.08 1.29 6.63
CA GLU A 15 4.17 2.39 6.35
C GLU A 15 2.87 2.26 7.14
N ASN A 16 2.47 3.35 7.78
CA ASN A 16 1.24 3.39 8.53
C ASN A 16 0.09 3.89 7.66
N LYS A 17 0.43 4.31 6.44
CA LYS A 17 -0.57 4.82 5.51
C LYS A 17 -1.48 3.69 5.01
N GLN A 18 -2.62 4.06 4.44
CA GLN A 18 -3.57 3.09 3.93
C GLN A 18 -3.62 3.12 2.41
N CYS A 19 -3.62 1.94 1.79
CA CYS A 19 -3.66 1.84 0.34
C CYS A 19 -5.04 2.23 -0.21
N CYS A 20 -5.23 2.06 -1.51
CA CYS A 20 -6.50 2.41 -2.14
C CYS A 20 -7.43 1.20 -2.17
N LYS A 21 -8.65 1.41 -2.63
CA LYS A 21 -9.65 0.36 -2.70
C LYS A 21 -9.32 -0.62 -3.83
N GLY A 22 -9.07 -1.87 -3.46
CA GLY A 22 -8.75 -2.88 -4.46
C GLY A 22 -7.31 -3.34 -4.38
N THR A 23 -6.45 -2.53 -3.75
CA THR A 23 -5.05 -2.86 -3.62
C THR A 23 -4.80 -3.73 -2.39
N THR A 24 -3.61 -4.33 -2.32
CA THR A 24 -3.25 -5.18 -1.21
C THR A 24 -1.77 -5.02 -0.87
N CYS A 25 -1.47 -4.95 0.43
CA CYS A 25 -0.09 -4.80 0.89
C CYS A 25 0.59 -6.16 1.01
N MET A 26 1.84 -6.23 0.55
CA MET A 26 2.60 -7.46 0.61
C MET A 26 3.73 -7.36 1.63
N PHE A 27 3.87 -8.39 2.45
CA PHE A 27 4.92 -8.41 3.47
C PHE A 27 6.28 -8.69 2.86
N TYR A 28 6.36 -9.76 2.09
CA TYR A 28 7.61 -10.17 1.45
C TYR A 28 8.00 -9.19 0.34
N ALA A 29 7.00 -8.71 -0.41
CA ALA A 29 7.26 -7.76 -1.48
C ALA A 29 7.64 -6.41 -0.90
N ASN A 30 7.12 -6.13 0.30
CA ASN A 30 7.40 -4.87 0.98
C ASN A 30 6.88 -3.69 0.17
N ARG A 31 5.70 -3.86 -0.43
CA ARG A 31 5.09 -2.81 -1.23
C ARG A 31 3.65 -3.17 -1.58
N CYS A 32 2.81 -2.14 -1.72
CA CYS A 32 1.41 -2.35 -2.05
C CYS A 32 1.26 -2.83 -3.50
N VAL A 33 0.33 -3.74 -3.73
CA VAL A 33 0.07 -4.28 -5.05
C VAL A 33 -1.35 -4.83 -5.15
N GLY A 34 -1.97 -4.63 -6.31
CA GLY A 34 -3.32 -5.11 -6.52
C GLY A 34 -3.95 -4.55 -7.78
N VAL A 35 -5.26 -4.64 -7.82
CA VAL A 35 -6.03 -4.16 -8.96
C VAL A 35 -5.82 -2.66 -9.17
N ALA A 1 1.63 13.40 -2.06
CA ALA A 1 0.91 12.10 -2.13
C ALA A 1 -0.60 12.32 -2.14
N ASP A 2 -1.34 11.23 -2.00
CA ASP A 2 -2.81 11.30 -2.00
C ASP A 2 -3.33 11.54 -0.58
N ASP A 3 -4.64 11.76 -0.48
CA ASP A 3 -5.27 12.01 0.82
C ASP A 3 -5.24 10.75 1.69
N ASP A 4 -5.29 9.59 1.03
CA ASP A 4 -5.28 8.32 1.74
C ASP A 4 -4.80 7.20 0.82
N CYS A 5 -4.97 5.96 1.27
CA CYS A 5 -4.55 4.80 0.50
C CYS A 5 -3.05 4.85 0.19
N LEU A 6 -2.60 3.98 -0.70
CA LEU A 6 -1.20 3.93 -1.08
C LEU A 6 -1.02 3.22 -2.42
N PRO A 7 -0.81 4.00 -3.51
CA PRO A 7 -0.63 3.43 -4.84
C PRO A 7 0.62 2.55 -4.93
N ARG A 8 0.77 1.88 -6.06
CA ARG A 8 1.89 0.99 -6.27
C ARG A 8 3.19 1.77 -6.39
N GLY A 9 3.72 2.21 -5.25
CA GLY A 9 4.95 2.97 -5.24
C GLY A 9 5.52 3.14 -3.85
N SER A 10 4.64 3.34 -2.87
CA SER A 10 5.07 3.52 -1.49
C SER A 10 5.22 2.17 -0.78
N LYS A 11 6.12 2.12 0.19
CA LYS A 11 6.36 0.89 0.93
C LYS A 11 5.18 0.55 1.83
N CYS A 12 5.21 -0.63 2.43
CA CYS A 12 4.14 -1.07 3.32
C CYS A 12 4.63 -2.13 4.30
N LEU A 13 5.89 -2.02 4.70
CA LEU A 13 6.48 -2.97 5.64
C LEU A 13 5.88 -2.80 7.03
N GLY A 14 6.22 -1.71 7.69
CA GLY A 14 5.71 -1.45 9.02
C GLY A 14 4.43 -0.62 9.00
N GLU A 15 4.19 0.06 7.88
CA GLU A 15 3.01 0.89 7.71
C GLU A 15 1.75 0.23 8.26
N ASN A 16 1.09 0.92 9.19
CA ASN A 16 -0.14 0.41 9.77
C ASN A 16 -1.35 0.95 9.02
N LYS A 17 -1.09 1.83 8.03
CA LYS A 17 -2.15 2.42 7.23
C LYS A 17 -2.78 1.38 6.31
N GLN A 18 -3.96 1.69 5.79
CA GLN A 18 -4.66 0.78 4.89
C GLN A 18 -4.80 1.40 3.50
N CYS A 19 -4.46 0.62 2.48
CA CYS A 19 -4.54 1.09 1.10
C CYS A 19 -6.00 1.23 0.67
N CYS A 20 -6.20 1.62 -0.59
CA CYS A 20 -7.54 1.81 -1.12
C CYS A 20 -8.24 0.46 -1.29
N LYS A 21 -9.54 0.52 -1.61
CA LYS A 21 -10.34 -0.69 -1.80
C LYS A 21 -9.94 -1.41 -3.08
N GLY A 22 -9.53 -2.66 -2.94
CA GLY A 22 -9.15 -3.44 -4.11
C GLY A 22 -7.66 -3.73 -4.15
N THR A 23 -6.88 -2.94 -3.42
CA THR A 23 -5.44 -3.11 -3.38
C THR A 23 -5.03 -4.06 -2.26
N THR A 24 -3.78 -4.50 -2.31
CA THR A 24 -3.24 -5.42 -1.31
C THR A 24 -1.79 -5.09 -1.00
N CYS A 25 -1.47 -4.98 0.30
CA CYS A 25 -0.12 -4.67 0.73
C CYS A 25 0.73 -5.95 0.83
N MET A 26 1.95 -5.88 0.32
CA MET A 26 2.85 -7.03 0.35
C MET A 26 3.89 -6.87 1.46
N PHE A 27 4.08 -7.92 2.24
CA PHE A 27 5.03 -7.92 3.34
C PHE A 27 6.46 -8.04 2.82
N TYR A 28 6.69 -9.08 2.03
CA TYR A 28 8.01 -9.33 1.46
C TYR A 28 8.39 -8.28 0.43
N ALA A 29 7.43 -7.86 -0.38
CA ALA A 29 7.67 -6.85 -1.38
C ALA A 29 7.89 -5.49 -0.73
N ASN A 30 7.27 -5.32 0.43
CA ASN A 30 7.39 -4.06 1.17
C ASN A 30 6.88 -2.88 0.35
N ARG A 31 5.67 -3.02 -0.19
CA ARG A 31 5.08 -1.97 -1.01
C ARG A 31 3.65 -2.33 -1.40
N CYS A 32 2.76 -1.35 -1.31
CA CYS A 32 1.36 -1.57 -1.66
C CYS A 32 1.19 -1.79 -3.16
N VAL A 33 0.11 -2.48 -3.53
CA VAL A 33 -0.16 -2.76 -4.92
C VAL A 33 -1.65 -3.02 -5.14
N GLY A 34 -2.11 -2.86 -6.38
CA GLY A 34 -3.50 -3.07 -6.68
C GLY A 34 -3.72 -3.79 -8.00
N VAL A 35 -4.91 -4.33 -8.14
CA VAL A 35 -5.29 -5.05 -9.34
C VAL A 35 -5.29 -4.13 -10.56
N ALA A 1 0.19 11.28 4.62
CA ALA A 1 -0.80 12.00 3.77
C ALA A 1 -1.33 11.11 2.64
N ASP A 2 -0.96 9.85 2.69
CA ASP A 2 -1.38 8.88 1.69
C ASP A 2 -2.54 8.02 2.21
N ASP A 3 -3.36 8.61 3.07
CA ASP A 3 -4.50 7.89 3.63
C ASP A 3 -5.49 7.48 2.54
N ASP A 4 -5.55 8.28 1.48
CA ASP A 4 -6.44 8.01 0.37
C ASP A 4 -6.11 6.68 -0.28
N CYS A 5 -4.95 6.62 -0.92
CA CYS A 5 -4.51 5.41 -1.60
C CYS A 5 -2.98 5.30 -1.56
N LEU A 6 -2.45 4.35 -2.33
CA LEU A 6 -1.00 4.15 -2.39
C LEU A 6 -0.61 3.46 -3.69
N PRO A 7 -0.14 4.22 -4.69
CA PRO A 7 0.27 3.66 -5.98
C PRO A 7 1.45 2.71 -5.84
N ARG A 8 1.79 2.04 -6.93
CA ARG A 8 2.88 1.10 -6.95
C ARG A 8 4.22 1.80 -6.79
N GLY A 9 4.48 2.29 -5.57
CA GLY A 9 5.73 2.97 -5.30
C GLY A 9 6.03 3.07 -3.82
N SER A 10 5.00 3.35 -3.04
CA SER A 10 5.15 3.47 -1.60
C SER A 10 5.27 2.10 -0.94
N LYS A 11 6.11 2.00 0.08
CA LYS A 11 6.32 0.75 0.79
C LYS A 11 5.08 0.36 1.60
N CYS A 12 5.09 -0.86 2.12
CA CYS A 12 3.97 -1.34 2.92
C CYS A 12 4.45 -2.16 4.12
N LEU A 13 5.70 -1.94 4.52
CA LEU A 13 6.27 -2.67 5.65
C LEU A 13 5.63 -2.20 6.96
N GLY A 14 6.11 -1.08 7.48
CA GLY A 14 5.57 -0.54 8.72
C GLY A 14 4.42 0.41 8.49
N GLU A 15 4.30 0.90 7.25
CA GLU A 15 3.25 1.83 6.88
C GLU A 15 1.88 1.43 7.45
N ASN A 16 1.23 2.38 8.10
CA ASN A 16 -0.09 2.14 8.67
C ASN A 16 -1.17 2.68 7.74
N LYS A 17 -0.76 3.31 6.64
CA LYS A 17 -1.71 3.86 5.68
C LYS A 17 -2.41 2.75 4.92
N GLN A 18 -3.51 3.10 4.26
CA GLN A 18 -4.29 2.13 3.50
C GLN A 18 -4.25 2.46 2.00
N CYS A 19 -4.15 1.43 1.18
CA CYS A 19 -4.10 1.61 -0.27
C CYS A 19 -5.46 2.06 -0.80
N CYS A 20 -5.62 2.00 -2.12
CA CYS A 20 -6.87 2.40 -2.76
C CYS A 20 -7.90 1.29 -2.70
N LYS A 21 -9.08 1.56 -3.24
CA LYS A 21 -10.17 0.59 -3.24
C LYS A 21 -9.86 -0.57 -4.19
N GLY A 22 -9.67 -1.75 -3.63
CA GLY A 22 -9.37 -2.93 -4.43
C GLY A 22 -7.91 -3.34 -4.33
N THR A 23 -7.07 -2.42 -3.84
CA THR A 23 -5.65 -2.69 -3.68
C THR A 23 -5.35 -3.26 -2.30
N THR A 24 -4.15 -3.80 -2.16
CA THR A 24 -3.72 -4.39 -0.89
C THR A 24 -2.22 -4.22 -0.68
N CYS A 25 -1.82 -3.93 0.55
CA CYS A 25 -0.41 -3.75 0.87
C CYS A 25 0.33 -5.09 0.85
N MET A 26 1.56 -5.08 0.36
CA MET A 26 2.36 -6.28 0.29
C MET A 26 3.37 -6.33 1.43
N PHE A 27 3.29 -7.38 2.25
CA PHE A 27 4.18 -7.55 3.38
C PHE A 27 5.56 -7.99 2.94
N TYR A 28 5.61 -9.07 2.18
CA TYR A 28 6.88 -9.61 1.71
C TYR A 28 7.53 -8.69 0.67
N ALA A 29 6.73 -8.20 -0.26
CA ALA A 29 7.23 -7.31 -1.29
C ALA A 29 7.57 -5.95 -0.69
N ASN A 30 6.94 -5.65 0.45
CA ASN A 30 7.16 -4.38 1.13
C ASN A 30 6.77 -3.20 0.25
N ARG A 31 5.54 -3.26 -0.26
CA ARG A 31 5.03 -2.20 -1.12
C ARG A 31 3.55 -2.41 -1.43
N CYS A 32 2.85 -1.32 -1.75
CA CYS A 32 1.43 -1.38 -2.06
C CYS A 32 1.21 -1.89 -3.47
N VAL A 33 0.21 -2.75 -3.63
CA VAL A 33 -0.12 -3.32 -4.93
C VAL A 33 -1.58 -3.76 -4.98
N GLY A 34 -2.11 -3.90 -6.19
CA GLY A 34 -3.50 -4.30 -6.35
C GLY A 34 -3.80 -5.61 -5.66
N VAL A 35 -4.94 -6.17 -6.01
CA VAL A 35 -5.39 -7.44 -5.45
C VAL A 35 -4.47 -8.58 -5.88
N ALA A 1 2.40 15.36 1.19
CA ALA A 1 1.48 14.32 1.71
C ALA A 1 1.28 13.21 0.68
N ASP A 2 1.32 11.97 1.14
CA ASP A 2 1.13 10.82 0.26
C ASP A 2 -0.23 10.86 -0.41
N ASP A 3 -0.54 9.84 -1.20
CA ASP A 3 -1.81 9.75 -1.90
C ASP A 3 -2.96 9.52 -0.91
N ASP A 4 -4.14 9.21 -1.45
CA ASP A 4 -5.30 8.95 -0.62
C ASP A 4 -5.08 7.75 0.30
N CYS A 5 -5.23 6.56 -0.25
CA CYS A 5 -5.03 5.34 0.53
C CYS A 5 -3.57 4.90 0.48
N LEU A 6 -3.21 4.13 -0.54
CA LEU A 6 -1.84 3.65 -0.69
C LEU A 6 -1.64 3.02 -2.07
N PRO A 7 -1.37 3.86 -3.08
CA PRO A 7 -1.15 3.40 -4.46
C PRO A 7 0.17 2.67 -4.63
N ARG A 8 0.39 2.15 -5.82
CA ARG A 8 1.58 1.41 -6.14
C ARG A 8 2.80 2.35 -6.16
N GLY A 9 3.30 2.68 -4.98
CA GLY A 9 4.44 3.56 -4.88
C GLY A 9 4.95 3.71 -3.46
N SER A 10 4.01 3.73 -2.51
CA SER A 10 4.36 3.86 -1.10
C SER A 10 4.58 2.50 -0.46
N LYS A 11 5.41 2.45 0.57
CA LYS A 11 5.69 1.20 1.25
C LYS A 11 4.49 0.72 2.05
N CYS A 12 4.57 -0.49 2.59
CA CYS A 12 3.48 -1.06 3.36
C CYS A 12 3.98 -2.12 4.33
N LEU A 13 5.24 -2.01 4.73
CA LEU A 13 5.83 -2.97 5.67
C LEU A 13 5.25 -2.78 7.07
N GLY A 14 5.62 -1.69 7.73
CA GLY A 14 5.12 -1.42 9.06
C GLY A 14 3.88 -0.56 9.06
N GLU A 15 3.64 0.12 7.94
CA GLU A 15 2.49 0.99 7.79
C GLU A 15 1.22 0.38 8.36
N ASN A 16 0.60 1.09 9.29
CA ASN A 16 -0.64 0.64 9.90
C ASN A 16 -1.84 1.10 9.07
N LYS A 17 -1.57 1.89 8.04
CA LYS A 17 -2.62 2.39 7.17
C LYS A 17 -3.21 1.28 6.32
N GLN A 18 -4.38 1.52 5.75
CA GLN A 18 -5.04 0.53 4.91
C GLN A 18 -5.22 1.06 3.49
N CYS A 19 -4.87 0.23 2.51
CA CYS A 19 -4.98 0.62 1.11
C CYS A 19 -6.46 0.70 0.69
N CYS A 20 -6.72 1.39 -0.42
CA CYS A 20 -8.08 1.54 -0.92
C CYS A 20 -8.61 0.21 -1.46
N LYS A 21 -9.91 0.19 -1.77
CA LYS A 21 -10.54 -1.01 -2.29
C LYS A 21 -10.06 -1.32 -3.70
N GLY A 22 -9.52 -2.52 -3.88
CA GLY A 22 -9.02 -2.92 -5.19
C GLY A 22 -7.53 -3.19 -5.19
N THR A 23 -6.82 -2.58 -4.25
CA THR A 23 -5.39 -2.76 -4.13
C THR A 23 -5.04 -3.76 -3.03
N THR A 24 -3.79 -4.21 -3.04
CA THR A 24 -3.32 -5.17 -2.04
C THR A 24 -1.95 -4.78 -1.51
N CYS A 25 -1.72 -5.11 -0.25
CA CYS A 25 -0.46 -4.80 0.41
C CYS A 25 0.47 -6.01 0.39
N MET A 26 1.73 -5.78 0.00
CA MET A 26 2.71 -6.85 -0.06
C MET A 26 3.71 -6.75 1.09
N PHE A 27 3.98 -7.88 1.73
CA PHE A 27 4.92 -7.92 2.84
C PHE A 27 6.35 -7.94 2.35
N TYR A 28 6.65 -8.89 1.48
CA TYR A 28 8.00 -9.05 0.93
C TYR A 28 8.36 -7.90 0.01
N ALA A 29 7.38 -7.40 -0.74
CA ALA A 29 7.60 -6.28 -1.65
C ALA A 29 7.83 -5.01 -0.85
N ASN A 30 7.15 -4.92 0.29
CA ASN A 30 7.26 -3.76 1.16
C ASN A 30 6.62 -2.52 0.53
N ARG A 31 5.45 -2.72 -0.06
CA ARG A 31 4.73 -1.61 -0.69
C ARG A 31 3.38 -2.08 -1.23
N CYS A 32 2.40 -1.18 -1.21
CA CYS A 32 1.06 -1.51 -1.69
C CYS A 32 1.05 -1.63 -3.20
N VAL A 33 0.14 -2.46 -3.72
CA VAL A 33 0.03 -2.67 -5.16
C VAL A 33 -1.25 -3.41 -5.51
N GLY A 34 -1.70 -3.24 -6.75
CA GLY A 34 -2.91 -3.89 -7.20
C GLY A 34 -2.82 -5.40 -7.15
N VAL A 35 -3.98 -6.03 -7.19
CA VAL A 35 -4.06 -7.49 -7.15
C VAL A 35 -3.55 -8.09 -8.47
N ALA A 1 4.29 10.70 3.46
CA ALA A 1 3.13 10.44 2.59
C ALA A 1 1.85 11.02 3.20
N ASP A 2 0.75 10.93 2.46
CA ASP A 2 -0.54 11.44 2.93
C ASP A 2 -1.47 10.30 3.32
N ASP A 3 -2.35 10.56 4.27
CA ASP A 3 -3.30 9.56 4.74
C ASP A 3 -4.28 9.19 3.64
N ASP A 4 -3.83 8.34 2.72
CA ASP A 4 -4.66 7.90 1.61
C ASP A 4 -4.17 6.58 1.04
N CYS A 5 -4.69 6.20 -0.12
CA CYS A 5 -4.29 4.96 -0.77
C CYS A 5 -2.80 4.94 -1.05
N LEU A 6 -2.37 3.98 -1.86
CA LEU A 6 -0.94 3.85 -2.20
C LEU A 6 -0.77 3.16 -3.55
N PRO A 7 -0.32 3.89 -4.59
CA PRO A 7 -0.12 3.32 -5.93
C PRO A 7 0.98 2.27 -5.94
N ARG A 8 1.12 1.62 -7.08
CA ARG A 8 2.11 0.58 -7.24
C ARG A 8 3.53 1.16 -7.22
N GLY A 9 3.98 1.55 -6.03
CA GLY A 9 5.30 2.12 -5.88
C GLY A 9 5.59 2.59 -4.47
N SER A 10 4.55 3.08 -3.79
CA SER A 10 4.70 3.56 -2.42
C SER A 10 4.77 2.40 -1.44
N LYS A 11 5.70 2.47 -0.50
CA LYS A 11 5.89 1.43 0.50
C LYS A 11 4.72 1.42 1.48
N CYS A 12 4.48 0.25 2.09
CA CYS A 12 3.39 0.10 3.05
C CYS A 12 3.69 -1.01 4.05
N LEU A 13 4.94 -1.06 4.52
CA LEU A 13 5.35 -2.07 5.48
C LEU A 13 4.69 -1.83 6.84
N GLY A 14 5.19 -0.83 7.56
CA GLY A 14 4.63 -0.51 8.86
C GLY A 14 3.41 0.37 8.77
N GLU A 15 3.27 1.06 7.65
CA GLU A 15 2.14 1.95 7.41
C GLU A 15 0.82 1.33 7.85
N ASN A 16 0.06 2.08 8.66
CA ASN A 16 -1.23 1.63 9.13
C ASN A 16 -2.32 2.07 8.17
N LYS A 17 -1.95 2.84 7.15
CA LYS A 17 -2.90 3.32 6.16
C LYS A 17 -3.39 2.18 5.28
N GLN A 18 -4.58 2.36 4.70
CA GLN A 18 -5.16 1.34 3.83
C GLN A 18 -5.15 1.80 2.37
N CYS A 19 -4.79 0.88 1.48
CA CYS A 19 -4.74 1.19 0.05
C CYS A 19 -6.14 1.39 -0.52
N CYS A 20 -6.21 1.74 -1.80
CA CYS A 20 -7.49 1.97 -2.46
C CYS A 20 -8.23 0.65 -2.68
N LYS A 21 -9.47 0.75 -3.13
CA LYS A 21 -10.29 -0.42 -3.38
C LYS A 21 -9.78 -1.19 -4.58
N GLY A 22 -9.37 -2.44 -4.36
CA GLY A 22 -8.87 -3.26 -5.44
C GLY A 22 -7.39 -3.59 -5.29
N THR A 23 -6.68 -2.76 -4.52
CA THR A 23 -5.26 -2.95 -4.30
C THR A 23 -5.01 -3.83 -3.07
N THR A 24 -3.78 -4.30 -2.94
CA THR A 24 -3.41 -5.16 -1.82
C THR A 24 -1.96 -4.89 -1.40
N CYS A 25 -1.79 -4.41 -0.17
CA CYS A 25 -0.46 -4.11 0.35
C CYS A 25 0.29 -5.40 0.67
N MET A 26 1.57 -5.43 0.33
CA MET A 26 2.41 -6.60 0.58
C MET A 26 3.35 -6.35 1.75
N PHE A 27 3.45 -7.32 2.64
CA PHE A 27 4.31 -7.22 3.81
C PHE A 27 5.77 -7.35 3.44
N TYR A 28 6.10 -8.45 2.78
CA TYR A 28 7.49 -8.71 2.39
C TYR A 28 7.93 -7.77 1.27
N ALA A 29 7.03 -7.47 0.35
CA ALA A 29 7.35 -6.56 -0.75
C ALA A 29 7.48 -5.13 -0.23
N ASN A 30 6.76 -4.84 0.85
CA ASN A 30 6.79 -3.53 1.46
C ASN A 30 6.36 -2.45 0.46
N ARG A 31 5.24 -2.69 -0.21
CA ARG A 31 4.71 -1.74 -1.19
C ARG A 31 3.35 -2.18 -1.71
N CYS A 32 2.46 -1.22 -1.88
CA CYS A 32 1.11 -1.51 -2.37
C CYS A 32 1.15 -2.02 -3.80
N VAL A 33 0.17 -2.83 -4.16
CA VAL A 33 0.09 -3.39 -5.50
C VAL A 33 -1.28 -4.01 -5.76
N GLY A 34 -1.63 -4.12 -7.04
CA GLY A 34 -2.91 -4.70 -7.40
C GLY A 34 -3.10 -6.11 -6.88
N VAL A 35 -4.34 -6.54 -6.85
CA VAL A 35 -4.69 -7.87 -6.39
C VAL A 35 -4.08 -8.94 -7.28
N ALA A 1 -5.26 17.93 1.16
CA ALA A 1 -6.24 17.19 0.30
C ALA A 1 -6.20 15.69 0.59
N ASP A 2 -7.15 14.96 0.01
CA ASP A 2 -7.23 13.52 0.20
C ASP A 2 -6.16 12.80 -0.62
N ASP A 3 -5.07 12.40 0.05
CA ASP A 3 -3.98 11.70 -0.61
C ASP A 3 -3.59 10.44 0.17
N ASP A 4 -4.56 9.84 0.83
CA ASP A 4 -4.31 8.64 1.62
C ASP A 4 -3.97 7.46 0.71
N CYS A 5 -4.23 6.25 1.18
CA CYS A 5 -3.94 5.05 0.41
C CYS A 5 -2.46 4.96 0.04
N LEU A 6 -2.12 4.04 -0.85
CA LEU A 6 -0.74 3.86 -1.26
C LEU A 6 -0.68 3.12 -2.61
N PRO A 7 -0.48 3.86 -3.72
CA PRO A 7 -0.39 3.27 -5.05
C PRO A 7 0.79 2.30 -5.18
N ARG A 8 0.83 1.61 -6.30
CA ARG A 8 1.88 0.64 -6.55
C ARG A 8 3.22 1.34 -6.75
N GLY A 9 3.81 1.79 -5.65
CA GLY A 9 5.10 2.47 -5.72
C GLY A 9 5.76 2.62 -4.36
N SER A 10 4.95 2.91 -3.36
CA SER A 10 5.45 3.09 -2.00
C SER A 10 5.63 1.74 -1.31
N LYS A 11 6.63 1.66 -0.43
CA LYS A 11 6.91 0.43 0.29
C LYS A 11 5.82 0.14 1.31
N CYS A 12 5.88 -1.05 1.91
CA CYS A 12 4.89 -1.45 2.90
C CYS A 12 5.41 -2.60 3.76
N LEU A 13 6.64 -2.47 4.23
CA LEU A 13 7.24 -3.50 5.08
C LEU A 13 6.58 -3.54 6.45
N GLY A 14 6.95 -2.59 7.31
CA GLY A 14 6.38 -2.54 8.64
C GLY A 14 5.13 -1.69 8.70
N GLU A 15 4.93 -0.86 7.68
CA GLU A 15 3.78 0.03 7.60
C GLU A 15 2.49 -0.67 8.03
N ASN A 16 1.83 -0.10 9.03
CA ASN A 16 0.58 -0.65 9.52
C ASN A 16 -0.61 0.02 8.83
N LYS A 17 -0.32 1.01 7.98
CA LYS A 17 -1.37 1.73 7.26
C LYS A 17 -2.00 0.83 6.20
N GLN A 18 -3.17 1.24 5.71
CA GLN A 18 -3.88 0.47 4.69
C GLN A 18 -4.07 1.30 3.42
N CYS A 19 -3.81 0.68 2.27
CA CYS A 19 -3.95 1.36 1.00
C CYS A 19 -5.43 1.62 0.68
N CYS A 20 -5.71 1.99 -0.56
CA CYS A 20 -7.08 2.27 -0.98
C CYS A 20 -7.90 0.99 -1.03
N LYS A 21 -9.20 1.14 -1.28
CA LYS A 21 -10.11 0.01 -1.35
C LYS A 21 -9.85 -0.83 -2.60
N GLY A 22 -9.50 -2.10 -2.40
CA GLY A 22 -9.23 -2.98 -3.52
C GLY A 22 -7.76 -3.35 -3.63
N THR A 23 -6.90 -2.55 -3.00
CA THR A 23 -5.47 -2.79 -3.03
C THR A 23 -5.02 -3.62 -1.84
N THR A 24 -3.80 -4.13 -1.90
CA THR A 24 -3.25 -4.94 -0.83
C THR A 24 -1.76 -4.67 -0.66
N CYS A 25 -1.30 -4.75 0.58
CA CYS A 25 0.10 -4.51 0.89
C CYS A 25 0.86 -5.84 1.03
N MET A 26 2.05 -5.90 0.45
CA MET A 26 2.87 -7.10 0.50
C MET A 26 4.02 -6.93 1.48
N PHE A 27 4.24 -7.94 2.31
CA PHE A 27 5.30 -7.92 3.30
C PHE A 27 6.66 -8.20 2.67
N TYR A 28 6.73 -9.32 1.97
CA TYR A 28 7.97 -9.72 1.31
C TYR A 28 8.31 -8.82 0.14
N ALA A 29 7.29 -8.37 -0.59
CA ALA A 29 7.51 -7.47 -1.72
C ALA A 29 7.92 -6.10 -1.23
N ASN A 30 7.45 -5.74 -0.05
CA ASN A 30 7.77 -4.45 0.55
C ASN A 30 7.24 -3.31 -0.30
N ARG A 31 5.99 -3.42 -0.72
CA ARG A 31 5.36 -2.40 -1.55
C ARG A 31 3.89 -2.72 -1.80
N CYS A 32 3.05 -1.70 -1.67
CA CYS A 32 1.61 -1.86 -1.87
C CYS A 32 1.31 -2.15 -3.34
N VAL A 33 0.18 -2.80 -3.59
CA VAL A 33 -0.24 -3.12 -4.94
C VAL A 33 -1.75 -3.29 -5.02
N GLY A 34 -2.30 -3.17 -6.22
CA GLY A 34 -3.73 -3.31 -6.40
C GLY A 34 -4.07 -4.12 -7.63
N VAL A 35 -5.31 -4.60 -7.64
CA VAL A 35 -5.82 -5.40 -8.74
C VAL A 35 -5.86 -4.60 -10.03
N ALA A 1 -8.66 10.14 5.76
CA ALA A 1 -9.35 10.10 4.45
C ALA A 1 -8.61 9.18 3.48
N ASP A 2 -9.15 9.05 2.27
CA ASP A 2 -8.54 8.20 1.26
C ASP A 2 -7.82 9.04 0.20
N ASP A 3 -7.22 10.14 0.64
CA ASP A 3 -6.50 11.03 -0.26
C ASP A 3 -5.06 10.58 -0.43
N ASP A 4 -4.39 10.32 0.69
CA ASP A 4 -3.01 9.88 0.67
C ASP A 4 -2.85 8.60 -0.14
N CYS A 5 -3.19 7.48 0.47
CA CYS A 5 -3.09 6.18 -0.20
C CYS A 5 -1.66 5.90 -0.63
N LEU A 6 -1.48 4.85 -1.42
CA LEU A 6 -0.16 4.48 -1.92
C LEU A 6 -0.27 3.60 -3.16
N PRO A 7 -0.06 4.18 -4.35
CA PRO A 7 -0.13 3.43 -5.62
C PRO A 7 0.91 2.34 -5.70
N ARG A 8 0.82 1.52 -6.74
CA ARG A 8 1.74 0.43 -6.94
C ARG A 8 3.14 0.95 -7.28
N GLY A 9 3.87 1.38 -6.25
CA GLY A 9 5.21 1.89 -6.46
C GLY A 9 5.97 2.05 -5.16
N SER A 10 5.28 2.49 -4.12
CA SER A 10 5.90 2.68 -2.82
C SER A 10 5.93 1.39 -2.02
N LYS A 11 6.97 1.21 -1.21
CA LYS A 11 7.12 0.02 -0.40
C LYS A 11 6.08 -0.02 0.72
N CYS A 12 6.03 -1.14 1.43
CA CYS A 12 5.08 -1.31 2.53
C CYS A 12 5.63 -2.26 3.58
N LEU A 13 6.92 -2.17 3.85
CA LEU A 13 7.56 -3.02 4.85
C LEU A 13 7.10 -2.67 6.26
N GLY A 14 7.69 -1.62 6.83
CA GLY A 14 7.31 -1.19 8.16
C GLY A 14 6.18 -0.19 8.14
N GLU A 15 5.96 0.43 6.99
CA GLU A 15 4.91 1.43 6.82
C GLU A 15 3.60 0.99 7.47
N ASN A 16 3.06 1.87 8.31
CA ASN A 16 1.79 1.60 8.98
C ASN A 16 0.64 2.23 8.21
N LYS A 17 0.98 2.96 7.14
CA LYS A 17 -0.04 3.62 6.32
C LYS A 17 -0.83 2.59 5.51
N GLN A 18 -1.98 3.01 4.98
CA GLN A 18 -2.83 2.13 4.20
C GLN A 18 -3.07 2.71 2.81
N CYS A 19 -3.02 1.86 1.79
CA CYS A 19 -3.23 2.29 0.41
C CYS A 19 -4.69 2.69 0.19
N CYS A 20 -5.00 3.10 -1.03
CA CYS A 20 -6.37 3.50 -1.38
C CYS A 20 -7.30 2.30 -1.40
N LYS A 21 -8.59 2.57 -1.60
CA LYS A 21 -9.59 1.51 -1.64
C LYS A 21 -9.47 0.68 -2.91
N GLY A 22 -9.24 -0.62 -2.74
CA GLY A 22 -9.10 -1.51 -3.87
C GLY A 22 -7.72 -2.11 -3.98
N THR A 23 -6.73 -1.44 -3.39
CA THR A 23 -5.36 -1.91 -3.42
C THR A 23 -5.02 -2.69 -2.15
N THR A 24 -3.90 -3.41 -2.20
CA THR A 24 -3.44 -4.19 -1.06
C THR A 24 -1.93 -4.09 -0.90
N CYS A 25 -1.48 -4.00 0.35
CA CYS A 25 -0.06 -3.88 0.65
C CYS A 25 0.51 -5.23 1.12
N MET A 26 1.64 -5.62 0.54
CA MET A 26 2.27 -6.87 0.90
C MET A 26 3.37 -6.66 1.94
N PHE A 27 3.38 -7.50 2.98
CA PHE A 27 4.36 -7.39 4.05
C PHE A 27 5.73 -7.85 3.58
N TYR A 28 5.80 -9.07 3.10
CA TYR A 28 7.06 -9.66 2.62
C TYR A 28 7.53 -8.99 1.34
N ALA A 29 6.60 -8.77 0.42
CA ALA A 29 6.92 -8.13 -0.85
C ALA A 29 7.21 -6.65 -0.63
N ASN A 30 6.76 -6.14 0.51
CA ASN A 30 6.95 -4.74 0.87
C ASN A 30 6.74 -3.81 -0.32
N ARG A 31 5.49 -3.76 -0.79
CA ARG A 31 5.14 -2.91 -1.93
C ARG A 31 3.65 -3.03 -2.23
N CYS A 32 2.96 -1.90 -2.25
CA CYS A 32 1.53 -1.90 -2.54
C CYS A 32 1.23 -2.50 -3.90
N VAL A 33 0.06 -3.10 -4.03
CA VAL A 33 -0.36 -3.72 -5.27
C VAL A 33 -1.84 -4.04 -5.27
N GLY A 34 -2.42 -4.17 -6.46
CA GLY A 34 -3.84 -4.47 -6.58
C GLY A 34 -4.21 -5.77 -5.90
N VAL A 35 -5.50 -5.91 -5.64
CA VAL A 35 -6.04 -7.10 -4.99
C VAL A 35 -5.90 -8.33 -5.89
N ALA A 1 -13.60 12.03 -2.31
CA ALA A 1 -12.51 11.69 -1.38
C ALA A 1 -11.29 11.17 -2.11
N ASP A 2 -10.20 11.94 -2.08
CA ASP A 2 -8.96 11.55 -2.74
C ASP A 2 -7.92 11.10 -1.74
N ASP A 3 -8.00 9.84 -1.33
CA ASP A 3 -7.06 9.29 -0.37
C ASP A 3 -5.75 8.89 -1.05
N ASP A 4 -4.66 9.50 -0.62
CA ASP A 4 -3.35 9.23 -1.18
C ASP A 4 -2.93 7.78 -0.91
N CYS A 5 -2.69 7.48 0.35
CA CYS A 5 -2.29 6.14 0.75
C CYS A 5 -0.99 5.72 0.06
N LEU A 6 -0.70 4.43 0.07
CA LEU A 6 0.51 3.91 -0.56
C LEU A 6 0.21 3.39 -1.96
N PRO A 7 0.51 4.20 -3.00
CA PRO A 7 0.28 3.80 -4.40
C PRO A 7 1.12 2.60 -4.79
N ARG A 8 0.87 2.09 -5.98
CA ARG A 8 1.58 0.94 -6.49
C ARG A 8 3.04 1.27 -6.76
N GLY A 9 3.81 1.45 -5.70
CA GLY A 9 5.22 1.77 -5.83
C GLY A 9 5.91 1.98 -4.51
N SER A 10 5.18 2.51 -3.53
CA SER A 10 5.73 2.76 -2.20
C SER A 10 5.78 1.47 -1.38
N LYS A 11 6.89 1.27 -0.68
CA LYS A 11 7.07 0.08 0.14
C LYS A 11 6.15 0.11 1.35
N CYS A 12 5.76 -1.07 1.83
CA CYS A 12 4.88 -1.15 2.98
C CYS A 12 5.25 -2.36 3.86
N LEU A 13 6.54 -2.62 3.98
CA LEU A 13 7.00 -3.74 4.79
C LEU A 13 6.79 -3.45 6.27
N GLY A 14 7.64 -2.60 6.85
CA GLY A 14 7.51 -2.26 8.24
C GLY A 14 6.55 -1.10 8.48
N GLU A 15 6.32 -0.33 7.42
CA GLU A 15 5.43 0.82 7.48
C GLU A 15 4.16 0.53 8.27
N ASN A 16 3.80 1.45 9.14
CA ASN A 16 2.60 1.33 9.95
C ASN A 16 1.42 2.02 9.25
N LYS A 17 1.70 2.67 8.13
CA LYS A 17 0.66 3.36 7.38
C LYS A 17 -0.28 2.38 6.72
N GLN A 18 -1.52 2.81 6.48
CA GLN A 18 -2.52 1.95 5.86
C GLN A 18 -2.78 2.38 4.41
N CYS A 19 -2.84 1.40 3.52
CA CYS A 19 -3.07 1.68 2.11
C CYS A 19 -4.50 2.15 1.87
N CYS A 20 -4.86 2.34 0.61
CA CYS A 20 -6.20 2.78 0.26
C CYS A 20 -7.13 1.60 0.04
N LYS A 21 -8.42 1.89 -0.12
CA LYS A 21 -9.42 0.86 -0.33
C LYS A 21 -9.26 0.22 -1.71
N GLY A 22 -9.01 -1.09 -1.72
CA GLY A 22 -8.84 -1.80 -2.97
C GLY A 22 -7.42 -2.33 -3.16
N THR A 23 -6.48 -1.72 -2.46
CA THR A 23 -5.08 -2.15 -2.55
C THR A 23 -4.77 -3.24 -1.53
N THR A 24 -3.63 -3.89 -1.72
CA THR A 24 -3.20 -4.96 -0.82
C THR A 24 -1.70 -4.90 -0.57
N CYS A 25 -1.31 -4.63 0.66
CA CYS A 25 0.10 -4.54 1.03
C CYS A 25 0.74 -5.93 1.04
N MET A 26 1.86 -6.06 0.34
CA MET A 26 2.57 -7.34 0.27
C MET A 26 3.78 -7.32 1.20
N PHE A 27 3.89 -8.35 2.02
CA PHE A 27 4.99 -8.46 2.97
C PHE A 27 6.30 -8.81 2.26
N TYR A 28 6.27 -9.89 1.51
CA TYR A 28 7.45 -10.36 0.78
C TYR A 28 7.82 -9.40 -0.35
N ALA A 29 6.81 -8.86 -1.02
CA ALA A 29 7.06 -7.93 -2.11
C ALA A 29 7.58 -6.60 -1.56
N ASN A 30 7.14 -6.28 -0.34
CA ASN A 30 7.55 -5.06 0.32
C ASN A 30 7.02 -3.82 -0.42
N ARG A 31 5.79 -3.92 -0.90
CA ARG A 31 5.16 -2.82 -1.62
C ARG A 31 3.65 -3.04 -1.73
N CYS A 32 2.90 -1.94 -1.75
CA CYS A 32 1.45 -2.01 -1.85
C CYS A 32 1.02 -2.21 -3.30
N VAL A 33 0.03 -3.08 -3.51
CA VAL A 33 -0.48 -3.35 -4.84
C VAL A 33 -1.90 -3.89 -4.76
N GLY A 34 -2.70 -3.57 -5.78
CA GLY A 34 -4.08 -4.02 -5.83
C GLY A 34 -4.95 -3.16 -6.69
N VAL A 35 -6.26 -3.28 -6.49
CA VAL A 35 -7.24 -2.53 -7.25
C VAL A 35 -7.09 -1.03 -7.00
N ALA A 1 -6.44 16.57 -6.78
CA ALA A 1 -6.27 15.11 -6.54
C ALA A 1 -6.48 14.76 -5.07
N ASP A 2 -6.94 13.55 -4.81
CA ASP A 2 -7.19 13.09 -3.45
C ASP A 2 -7.00 11.58 -3.34
N ASP A 3 -5.74 11.15 -3.24
CA ASP A 3 -5.42 9.74 -3.12
C ASP A 3 -4.55 9.47 -1.89
N ASP A 4 -5.19 9.41 -0.73
CA ASP A 4 -4.48 9.16 0.51
C ASP A 4 -3.93 7.74 0.55
N CYS A 5 -3.73 7.20 1.75
CA CYS A 5 -3.20 5.86 1.91
C CYS A 5 -1.84 5.71 1.23
N LEU A 6 -1.42 4.47 1.01
CA LEU A 6 -0.14 4.19 0.37
C LEU A 6 -0.32 3.89 -1.12
N PRO A 7 -0.05 4.86 -2.00
CA PRO A 7 -0.18 4.67 -3.45
C PRO A 7 0.77 3.61 -3.97
N ARG A 8 0.64 3.29 -5.25
CA ARG A 8 1.46 2.28 -5.88
C ARG A 8 2.91 2.77 -5.98
N GLY A 9 3.63 2.68 -4.87
CA GLY A 9 5.02 3.10 -4.86
C GLY A 9 5.61 3.14 -3.45
N SER A 10 4.76 3.39 -2.46
CA SER A 10 5.21 3.45 -1.08
C SER A 10 5.31 2.05 -0.46
N LYS A 11 6.41 1.79 0.22
CA LYS A 11 6.63 0.50 0.87
C LYS A 11 5.67 0.31 2.04
N CYS A 12 5.48 -0.95 2.43
CA CYS A 12 4.60 -1.25 3.55
C CYS A 12 4.86 -2.65 4.09
N LEU A 13 6.13 -2.97 4.31
CA LEU A 13 6.52 -4.27 4.85
C LEU A 13 6.09 -4.41 6.30
N GLY A 14 6.80 -3.71 7.18
CA GLY A 14 6.48 -3.77 8.60
C GLY A 14 5.48 -2.71 9.01
N GLU A 15 5.33 -1.68 8.17
CA GLU A 15 4.40 -0.59 8.43
C GLU A 15 3.08 -1.06 9.01
N ASN A 16 2.62 -0.38 10.04
CA ASN A 16 1.36 -0.70 10.68
C ASN A 16 0.21 0.05 10.01
N LYS A 17 0.56 0.91 9.05
CA LYS A 17 -0.44 1.68 8.33
C LYS A 17 -1.28 0.78 7.42
N GLN A 18 -2.41 1.30 6.96
CA GLN A 18 -3.30 0.55 6.08
C GLN A 18 -3.53 1.29 4.77
N CYS A 19 -3.46 0.54 3.67
CA CYS A 19 -3.66 1.12 2.34
C CYS A 19 -5.12 1.54 2.15
N CYS A 20 -5.46 1.93 0.92
CA CYS A 20 -6.82 2.35 0.60
C CYS A 20 -7.68 1.15 0.20
N LYS A 21 -8.97 1.38 0.06
CA LYS A 21 -9.90 0.33 -0.32
C LYS A 21 -9.69 -0.10 -1.76
N GLY A 22 -9.35 -1.37 -1.95
CA GLY A 22 -9.12 -1.89 -3.29
C GLY A 22 -7.68 -2.29 -3.52
N THR A 23 -6.78 -1.74 -2.72
CA THR A 23 -5.36 -2.03 -2.85
C THR A 23 -4.95 -3.16 -1.90
N THR A 24 -3.76 -3.70 -2.14
CA THR A 24 -3.25 -4.80 -1.32
C THR A 24 -1.75 -4.62 -1.07
N CYS A 25 -1.33 -4.87 0.17
CA CYS A 25 0.07 -4.73 0.54
C CYS A 25 0.79 -6.07 0.42
N MET A 26 2.02 -6.03 -0.10
CA MET A 26 2.82 -7.24 -0.26
C MET A 26 3.99 -7.25 0.72
N PHE A 27 4.19 -8.40 1.38
CA PHE A 27 5.25 -8.55 2.34
C PHE A 27 6.61 -8.65 1.66
N TYR A 28 6.71 -9.58 0.72
CA TYR A 28 7.95 -9.81 -0.02
C TYR A 28 8.25 -8.64 -0.96
N ALA A 29 7.23 -8.12 -1.61
CA ALA A 29 7.40 -6.99 -2.51
C ALA A 29 7.71 -5.73 -1.73
N ASN A 30 7.22 -5.69 -0.48
CA ASN A 30 7.45 -4.54 0.38
C ASN A 30 6.88 -3.27 -0.23
N ARG A 31 5.69 -3.38 -0.82
CA ARG A 31 5.03 -2.25 -1.45
C ARG A 31 3.56 -2.54 -1.71
N CYS A 32 2.73 -1.52 -1.63
CA CYS A 32 1.30 -1.68 -1.86
C CYS A 32 1.00 -1.77 -3.35
N VAL A 33 0.00 -2.57 -3.71
CA VAL A 33 -0.39 -2.75 -5.10
C VAL A 33 -1.85 -3.19 -5.20
N GLY A 34 -2.50 -2.79 -6.29
CA GLY A 34 -3.89 -3.15 -6.50
C GLY A 34 -4.11 -4.65 -6.53
N VAL A 35 -5.36 -5.03 -6.34
CA VAL A 35 -5.74 -6.43 -6.34
C VAL A 35 -5.48 -7.08 -7.69
N ALA A 1 -6.55 17.75 1.51
CA ALA A 1 -6.55 16.52 0.66
C ALA A 1 -6.42 15.27 1.52
N ASP A 2 -7.39 14.37 1.38
CA ASP A 2 -7.40 13.13 2.15
C ASP A 2 -7.16 11.93 1.22
N ASP A 3 -7.44 10.74 1.74
CA ASP A 3 -7.26 9.50 0.97
C ASP A 3 -5.79 9.29 0.63
N ASP A 4 -5.00 8.95 1.63
CA ASP A 4 -3.57 8.70 1.45
C ASP A 4 -3.34 7.54 0.49
N CYS A 5 -3.54 6.33 1.00
CA CYS A 5 -3.36 5.13 0.21
C CYS A 5 -1.91 4.95 -0.20
N LEU A 6 -1.65 3.97 -1.06
CA LEU A 6 -0.31 3.69 -1.54
C LEU A 6 -0.33 3.06 -2.92
N PRO A 7 0.09 3.81 -3.96
CA PRO A 7 0.12 3.29 -5.33
C PRO A 7 1.07 2.13 -5.49
N ARG A 8 1.06 1.53 -6.67
CA ARG A 8 1.93 0.41 -6.96
C ARG A 8 3.39 0.84 -7.02
N GLY A 9 3.94 1.16 -5.87
CA GLY A 9 5.33 1.59 -5.81
C GLY A 9 5.81 1.83 -4.39
N SER A 10 4.92 2.34 -3.54
CA SER A 10 5.25 2.62 -2.16
C SER A 10 5.46 1.32 -1.38
N LYS A 11 6.26 1.39 -0.31
CA LYS A 11 6.54 0.23 0.51
C LYS A 11 5.31 -0.20 1.31
N CYS A 12 5.42 -1.34 1.98
CA CYS A 12 4.32 -1.87 2.79
C CYS A 12 4.85 -2.79 3.88
N LEU A 13 6.07 -2.54 4.33
CA LEU A 13 6.68 -3.35 5.37
C LEU A 13 6.27 -2.88 6.76
N GLY A 14 6.94 -1.85 7.27
CA GLY A 14 6.61 -1.32 8.58
C GLY A 14 5.49 -0.32 8.54
N GLU A 15 5.26 0.25 7.36
CA GLU A 15 4.22 1.25 7.16
C GLU A 15 2.91 0.84 7.83
N ASN A 16 2.42 1.70 8.72
CA ASN A 16 1.16 1.46 9.41
C ASN A 16 0.00 1.98 8.57
N LYS A 17 0.32 2.67 7.48
CA LYS A 17 -0.70 3.22 6.60
C LYS A 17 -1.41 2.10 5.84
N GLN A 18 -2.56 2.45 5.26
CA GLN A 18 -3.35 1.46 4.50
C GLN A 18 -3.54 1.93 3.07
N CYS A 19 -3.47 0.99 2.13
CA CYS A 19 -3.64 1.32 0.71
C CYS A 19 -5.08 1.69 0.42
N CYS A 20 -5.34 2.15 -0.81
CA CYS A 20 -6.68 2.55 -1.21
C CYS A 20 -7.60 1.35 -1.33
N LYS A 21 -8.86 1.60 -1.63
CA LYS A 21 -9.85 0.54 -1.78
C LYS A 21 -9.58 -0.30 -3.02
N GLY A 22 -9.30 -1.58 -2.81
CA GLY A 22 -9.02 -2.47 -3.93
C GLY A 22 -7.59 -2.95 -3.94
N THR A 23 -6.71 -2.20 -3.28
CA THR A 23 -5.30 -2.55 -3.22
C THR A 23 -4.98 -3.33 -1.94
N THR A 24 -3.79 -3.93 -1.92
CA THR A 24 -3.36 -4.71 -0.77
C THR A 24 -1.85 -4.56 -0.56
N CYS A 25 -1.44 -4.34 0.68
CA CYS A 25 -0.03 -4.18 1.00
C CYS A 25 0.69 -5.52 0.93
N MET A 26 1.96 -5.49 0.51
CA MET A 26 2.75 -6.70 0.40
C MET A 26 3.85 -6.74 1.45
N PHE A 27 3.84 -7.79 2.27
CA PHE A 27 4.82 -7.94 3.33
C PHE A 27 6.18 -8.37 2.79
N TYR A 28 6.17 -9.45 2.02
CA TYR A 28 7.40 -9.97 1.44
C TYR A 28 7.96 -9.05 0.36
N ALA A 29 7.08 -8.56 -0.51
CA ALA A 29 7.50 -7.66 -1.57
C ALA A 29 7.85 -6.29 -0.99
N ASN A 30 7.30 -6.01 0.19
CA ASN A 30 7.55 -4.75 0.88
C ASN A 30 7.08 -3.57 0.03
N ARG A 31 5.88 -3.68 -0.52
CA ARG A 31 5.32 -2.63 -1.36
C ARG A 31 3.86 -2.91 -1.68
N CYS A 32 3.04 -1.87 -1.67
CA CYS A 32 1.62 -2.01 -1.97
C CYS A 32 1.40 -2.62 -3.35
N VAL A 33 0.25 -3.24 -3.54
CA VAL A 33 -0.09 -3.85 -4.82
C VAL A 33 -1.59 -3.92 -5.02
N GLY A 34 -2.02 -3.67 -6.26
CA GLY A 34 -3.44 -3.71 -6.56
C GLY A 34 -3.94 -5.09 -6.88
N VAL A 35 -5.25 -5.24 -6.81
CA VAL A 35 -5.90 -6.51 -7.09
C VAL A 35 -5.74 -6.90 -8.56
#